data_3R9Q
#
_entry.id   3R9Q
#
_cell.length_a   98.318
_cell.length_b   98.213
_cell.length_c   103.951
_cell.angle_alpha   90.00
_cell.angle_beta   90.00
_cell.angle_gamma   90.00
#
_symmetry.space_group_name_H-M   'P 21 21 21'
#
loop_
_entity.id
_entity.type
_entity.pdbx_description
1 polymer 'enoyl-coA hydratase/isomerase'
2 non-polymer 'CHLORIDE ION'
3 non-polymer GLYCEROL
4 water water
#
_entity_poly.entity_id   1
_entity_poly.type   'polypeptide(L)'
_entity_poly.pdbx_seq_one_letter_code
;GPGSMSEEMQPAVRVEKAGPVTTVILNRPHARNAVDGPTAAALLAAFTEFDADPEASVAVLWGDNGTFCAGADLKAMGTD
RGNELHPHGPGPMGPSRLRLSKPVIAAISGHAVAGGIELALWCDLRVVEEDAVLGVFCRRWGVPLIDGGTIRLPRLIGHS
RAMDLILTGRPVHANEALDIGLVNRVVARGQAREAAETLAAEIAAFPQQCVRADRDSAIAQWGMAEEAALDNEFGSIERV
ATEALEGAGRFAAGEGRHGAGV
;
_entity_poly.pdbx_strand_id   A,B,C
#
loop_
_chem_comp.id
_chem_comp.type
_chem_comp.name
_chem_comp.formula
CL non-polymer 'CHLORIDE ION' 'Cl -1'
GOL non-polymer GLYCEROL 'C3 H8 O3'
#
# COMPACT_ATOMS: atom_id res chain seq x y z
N GLN A 10 -2.57 41.08 -0.26
CA GLN A 10 -3.55 40.69 0.79
C GLN A 10 -4.51 39.58 0.36
N PRO A 11 -4.56 39.22 -0.94
CA PRO A 11 -5.52 38.21 -1.33
C PRO A 11 -5.11 36.88 -0.74
N ALA A 12 -6.09 36.13 -0.22
CA ALA A 12 -5.82 34.84 0.41
C ALA A 12 -5.24 33.84 -0.57
N VAL A 13 -5.65 33.94 -1.83
CA VAL A 13 -5.16 33.06 -2.86
C VAL A 13 -4.66 33.88 -4.03
N ARG A 14 -3.47 33.60 -4.54
CA ARG A 14 -3.05 34.22 -5.79
C ARG A 14 -2.37 33.20 -6.66
N VAL A 15 -2.30 33.51 -7.95
CA VAL A 15 -1.79 32.56 -8.93
C VAL A 15 -0.67 33.21 -9.74
N GLU A 16 0.50 32.58 -9.75
CA GLU A 16 1.63 33.05 -10.55
C GLU A 16 2.09 31.96 -11.52
N LYS A 17 2.30 32.36 -12.77
CA LYS A 17 2.67 31.43 -13.84
C LYS A 17 4.07 31.69 -14.38
N ALA A 18 4.76 30.61 -14.72
CA ALA A 18 6.08 30.66 -15.34
C ALA A 18 6.10 29.58 -16.41
N GLY A 19 5.95 30.01 -17.65
CA GLY A 19 5.77 29.08 -18.75
C GLY A 19 4.66 28.09 -18.42
N PRO A 20 4.93 26.80 -18.57
CA PRO A 20 3.80 25.88 -18.40
C PRO A 20 3.57 25.40 -16.94
N VAL A 21 4.17 26.09 -15.96
CA VAL A 21 3.97 25.73 -14.56
C VAL A 21 3.19 26.82 -13.85
N THR A 22 2.02 26.46 -13.33
CA THR A 22 1.18 27.38 -12.58
C THR A 22 1.32 27.13 -11.08
N THR A 23 1.70 28.18 -10.36
CA THR A 23 1.84 28.10 -8.91
C THR A 23 0.63 28.77 -8.24
N VAL A 24 -0.10 27.98 -7.45
CA VAL A 24 -1.27 28.45 -6.73
C VAL A 24 -0.82 28.72 -5.30
N ILE A 25 -1.05 29.94 -4.83
CA ILE A 25 -0.43 30.38 -3.59
C ILE A 25 -1.43 30.76 -2.53
N LEU A 26 -1.28 30.12 -1.38
CA LEU A 26 -2.13 30.36 -0.23
C LEU A 26 -1.41 31.34 0.71
N ASN A 27 -2.07 32.43 1.09
CA ASN A 27 -1.44 33.47 1.91
C ASN A 27 -2.39 34.11 2.95
N ARG A 28 -2.43 33.54 4.15
CA ARG A 28 -3.25 34.08 5.26
C ARG A 28 -2.37 34.08 6.48
N PRO A 29 -1.46 35.05 6.53
CA PRO A 29 -0.40 35.03 7.53
C PRO A 29 -0.91 34.90 8.99
N HIS A 30 -1.95 35.65 9.35
CA HIS A 30 -2.46 35.63 10.73
C HIS A 30 -3.18 34.34 11.11
N ALA A 31 -3.61 33.59 10.10
CA ALA A 31 -4.38 32.35 10.29
C ALA A 31 -3.56 31.09 9.93
N ARG A 32 -2.23 31.24 9.80
CA ARG A 32 -1.31 30.14 9.46
C ARG A 32 -1.79 29.36 8.22
N ASN A 33 -2.24 30.14 7.24
CA ASN A 33 -2.84 29.68 5.99
C ASN A 33 -3.99 28.68 6.16
N ALA A 34 -4.78 28.84 7.22
CA ALA A 34 -5.97 28.05 7.39
C ALA A 34 -6.96 28.49 6.32
N VAL A 35 -7.89 27.62 5.97
CA VAL A 35 -8.74 27.82 4.81
C VAL A 35 -10.19 27.90 5.27
N ASP A 36 -10.80 29.07 5.05
CA ASP A 36 -12.19 29.29 5.40
C ASP A 36 -13.03 29.11 4.14
N GLY A 37 -14.30 29.45 4.22
CA GLY A 37 -15.20 29.24 3.07
C GLY A 37 -14.78 29.98 1.82
N PRO A 38 -14.58 31.30 1.95
CA PRO A 38 -14.16 32.04 0.75
C PRO A 38 -12.78 31.63 0.24
N THR A 39 -11.84 31.35 1.12
CA THR A 39 -10.53 30.85 0.68
C THR A 39 -10.66 29.52 -0.10
N ALA A 40 -11.50 28.61 0.40
CA ALA A 40 -11.74 27.33 -0.27
C ALA A 40 -12.27 27.56 -1.69
N ALA A 41 -13.22 28.49 -1.82
CA ALA A 41 -13.85 28.75 -3.11
C ALA A 41 -12.81 29.29 -4.09
N ALA A 42 -11.93 30.15 -3.60
CA ALA A 42 -10.84 30.73 -4.39
C ALA A 42 -9.81 29.65 -4.79
N LEU A 43 -9.44 28.76 -3.86
CA LEU A 43 -8.57 27.64 -4.19
C LEU A 43 -9.21 26.78 -5.27
N LEU A 44 -10.51 26.49 -5.13
CA LEU A 44 -11.22 25.73 -6.14
C LEU A 44 -11.20 26.46 -7.50
N ALA A 45 -11.43 27.77 -7.49
CA ALA A 45 -11.47 28.52 -8.74
C ALA A 45 -10.08 28.48 -9.42
N ALA A 46 -9.02 28.68 -8.62
CA ALA A 46 -7.67 28.64 -9.17
C ALA A 46 -7.33 27.29 -9.85
N PHE A 47 -7.69 26.17 -9.21
CA PHE A 47 -7.42 24.86 -9.82
C PHE A 47 -8.35 24.52 -10.99
N THR A 48 -9.58 25.04 -10.98
CA THR A 48 -10.46 24.89 -12.13
C THR A 48 -9.93 25.63 -13.39
N GLU A 49 -9.42 26.85 -13.18
CA GLU A 49 -8.74 27.64 -14.23
C GLU A 49 -7.50 26.86 -14.73
N PHE A 50 -6.70 26.35 -13.82
CA PHE A 50 -5.51 25.58 -14.18
C PHE A 50 -5.89 24.41 -15.07
N ASP A 51 -6.88 23.66 -14.63
CA ASP A 51 -7.35 22.49 -15.36
C ASP A 51 -7.79 22.81 -16.80
N ALA A 52 -8.42 23.96 -17.00
CA ALA A 52 -8.98 24.36 -18.31
C ALA A 52 -7.94 25.08 -19.17
N ASP A 53 -6.85 25.52 -18.56
CA ASP A 53 -5.82 26.29 -19.26
C ASP A 53 -4.89 25.39 -20.10
N PRO A 54 -5.01 25.44 -21.45
CA PRO A 54 -4.23 24.61 -22.38
C PRO A 54 -2.71 24.83 -22.31
N GLU A 55 -2.29 26.03 -21.95
CA GLU A 55 -0.87 26.34 -21.79
C GLU A 55 -0.25 25.82 -20.47
N ALA A 56 -1.08 25.42 -19.51
CA ALA A 56 -0.58 25.00 -18.20
C ALA A 56 -0.46 23.47 -18.17
N SER A 57 0.71 22.96 -17.78
CA SER A 57 0.95 21.50 -17.74
C SER A 57 0.99 20.90 -16.34
N VAL A 58 1.59 21.62 -15.40
CA VAL A 58 1.76 21.12 -14.05
C VAL A 58 1.56 22.28 -13.11
N ALA A 59 0.87 22.02 -12.01
CA ALA A 59 0.70 23.01 -10.98
C ALA A 59 1.52 22.70 -9.74
N VAL A 60 1.75 23.76 -8.97
CA VAL A 60 2.41 23.72 -7.69
C VAL A 60 1.49 24.41 -6.70
N LEU A 61 1.28 23.77 -5.55
CA LEU A 61 0.51 24.36 -4.45
C LEU A 61 1.46 24.72 -3.33
N TRP A 62 1.53 26.00 -2.99
CA TRP A 62 2.51 26.53 -2.03
C TRP A 62 1.86 27.48 -1.06
N GLY A 63 2.16 27.30 0.22
CA GLY A 63 1.77 28.24 1.24
C GLY A 63 2.87 29.26 1.44
N ASP A 64 2.47 30.54 1.44
CA ASP A 64 3.35 31.70 1.64
C ASP A 64 3.66 31.86 3.13
N ASN A 65 4.67 32.66 3.42
CA ASN A 65 5.00 33.13 4.76
C ASN A 65 5.44 32.08 5.78
N GLY A 66 6.10 31.03 5.33
CA GLY A 66 6.71 30.13 6.29
C GLY A 66 5.94 28.89 6.66
N THR A 67 4.72 28.71 6.13
CA THR A 67 3.93 27.51 6.41
C THR A 67 3.03 27.11 5.23
N PHE A 68 2.61 25.85 5.22
CA PHE A 68 1.79 25.33 4.11
C PHE A 68 0.33 25.61 4.38
N CYS A 69 -0.25 24.90 5.34
CA CYS A 69 -1.69 25.00 5.60
C CYS A 69 -2.06 24.29 6.90
N ALA A 70 -2.68 25.04 7.79
CA ALA A 70 -3.11 24.55 9.08
C ALA A 70 -4.43 23.78 9.07
N GLY A 71 -5.07 23.65 7.92
CA GLY A 71 -6.38 23.04 7.84
C GLY A 71 -7.50 24.04 7.71
N ALA A 72 -8.68 23.60 8.11
CA ALA A 72 -9.88 24.41 8.06
C ALA A 72 -9.70 25.53 9.09
N ASP A 73 -10.25 26.70 8.78
CA ASP A 73 -10.15 27.86 9.67
C ASP A 73 -11.12 27.66 10.83
N LEU A 74 -10.57 27.28 11.98
CA LEU A 74 -11.37 26.91 13.13
C LEU A 74 -12.08 28.12 13.76
N LYS A 75 -11.51 29.31 13.59
CA LYS A 75 -12.13 30.54 14.07
C LYS A 75 -13.40 30.81 13.25
N ALA A 76 -13.32 30.56 11.94
CA ALA A 76 -14.45 30.78 11.01
C ALA A 76 -15.54 29.69 11.04
N MET A 77 -15.21 28.49 11.48
CA MET A 77 -16.19 27.41 11.60
C MET A 77 -17.26 27.87 12.54
N GLY A 78 -18.51 27.50 12.25
CA GLY A 78 -19.63 27.96 13.03
C GLY A 78 -20.09 29.36 12.65
N THR A 79 -19.50 29.95 11.61
CA THR A 79 -19.93 31.28 11.16
C THR A 79 -20.24 31.27 9.67
N ASP A 80 -20.80 32.39 9.20
CA ASP A 80 -21.08 32.64 7.77
C ASP A 80 -19.84 32.40 6.86
N ARG A 81 -18.63 32.53 7.42
CA ARG A 81 -17.41 32.37 6.61
C ARG A 81 -16.82 30.95 6.67
N GLY A 82 -17.50 30.02 7.32
CA GLY A 82 -16.98 28.67 7.50
C GLY A 82 -17.00 27.88 6.20
N ASN A 83 -16.34 26.73 6.22
CA ASN A 83 -16.27 25.86 5.07
C ASN A 83 -17.67 25.37 4.72
N GLU A 84 -17.91 25.14 3.44
CA GLU A 84 -19.19 24.63 2.98
C GLU A 84 -19.12 23.10 3.01
N LEU A 85 -20.22 22.47 3.37
CA LEU A 85 -20.30 21.03 3.53
C LEU A 85 -21.22 20.48 2.44
N HIS A 86 -20.63 20.01 1.35
CA HIS A 86 -21.41 19.52 0.19
C HIS A 86 -21.31 17.98 0.10
N PRO A 87 -22.44 17.26 0.22
CA PRO A 87 -22.30 15.78 0.26
C PRO A 87 -21.56 15.15 -0.93
N HIS A 88 -21.68 15.70 -2.12
CA HIS A 88 -21.04 15.14 -3.30
C HIS A 88 -19.97 16.07 -3.86
N GLY A 89 -19.46 16.98 -3.02
CA GLY A 89 -18.37 17.86 -3.41
C GLY A 89 -18.91 19.17 -3.96
N PRO A 90 -18.09 20.22 -4.03
CA PRO A 90 -16.66 20.23 -3.71
C PRO A 90 -16.37 20.05 -2.22
N GLY A 91 -15.16 19.57 -1.94
CA GLY A 91 -14.73 19.29 -0.57
C GLY A 91 -14.60 20.57 0.23
N PRO A 92 -14.67 20.47 1.57
CA PRO A 92 -14.65 21.66 2.41
C PRO A 92 -13.42 22.56 2.20
N MET A 93 -12.27 21.96 1.92
CA MET A 93 -11.04 22.74 1.73
C MET A 93 -10.94 23.41 0.36
N GLY A 94 -11.83 23.05 -0.57
CA GLY A 94 -11.90 23.68 -1.89
C GLY A 94 -11.76 22.64 -2.98
N PRO A 95 -10.53 22.29 -3.35
CA PRO A 95 -10.30 21.39 -4.47
C PRO A 95 -10.07 19.93 -4.09
N SER A 96 -10.31 19.55 -2.83
CA SER A 96 -9.92 18.20 -2.35
C SER A 96 -10.67 17.02 -3.01
N ARG A 97 -11.77 17.31 -3.71
CA ARG A 97 -12.51 16.28 -4.44
C ARG A 97 -12.47 16.50 -5.96
N LEU A 98 -11.69 17.48 -6.38
CA LEU A 98 -11.49 17.74 -7.78
C LEU A 98 -10.48 16.75 -8.34
N ARG A 99 -10.89 16.05 -9.38
CA ARG A 99 -10.00 15.15 -10.07
C ARG A 99 -9.38 15.88 -11.27
N LEU A 100 -8.22 16.50 -11.08
CA LEU A 100 -7.61 17.29 -12.14
C LEU A 100 -7.14 16.42 -13.31
N SER A 101 -7.18 16.97 -14.52
CA SER A 101 -6.66 16.30 -15.70
C SER A 101 -5.12 16.32 -15.79
N LYS A 102 -4.50 17.09 -14.90
CA LYS A 102 -3.06 17.33 -14.91
C LYS A 102 -2.54 17.33 -13.48
N PRO A 103 -1.24 17.06 -13.29
CA PRO A 103 -0.67 16.94 -11.95
C PRO A 103 -0.38 18.23 -11.20
N VAL A 104 -0.29 18.06 -9.87
CA VAL A 104 -0.01 19.11 -8.89
C VAL A 104 1.03 18.59 -7.92
N ILE A 105 1.97 19.46 -7.61
CA ILE A 105 3.02 19.21 -6.62
C ILE A 105 2.85 20.11 -5.40
N ALA A 106 2.72 19.50 -4.21
CA ALA A 106 2.70 20.26 -2.96
C ALA A 106 4.12 20.73 -2.60
N ALA A 107 4.23 22.01 -2.22
CA ALA A 107 5.47 22.63 -1.82
C ALA A 107 5.29 23.10 -0.39
N ILE A 108 5.80 22.31 0.53
CA ILE A 108 5.42 22.39 1.93
C ILE A 108 6.54 22.96 2.79
N SER A 109 6.24 24.11 3.42
CA SER A 109 7.07 24.69 4.48
C SER A 109 6.29 24.55 5.76
N GLY A 110 6.94 24.70 6.92
CA GLY A 110 6.22 24.72 8.20
C GLY A 110 5.29 23.52 8.44
N HIS A 111 3.99 23.80 8.61
CA HIS A 111 2.99 22.78 8.97
C HIS A 111 2.04 22.49 7.79
N ALA A 112 1.82 21.21 7.52
CA ALA A 112 0.74 20.73 6.66
C ALA A 112 -0.04 19.76 7.54
N VAL A 113 -1.05 20.28 8.24
CA VAL A 113 -1.77 19.51 9.25
C VAL A 113 -3.27 19.62 9.04
N ALA A 114 -3.98 18.59 9.50
CA ALA A 114 -5.43 18.49 9.35
C ALA A 114 -5.83 18.64 7.88
N GLY A 115 -6.79 19.50 7.57
CA GLY A 115 -7.17 19.74 6.16
C GLY A 115 -5.96 20.04 5.28
N GLY A 116 -4.88 20.53 5.88
CA GLY A 116 -3.66 20.82 5.14
C GLY A 116 -2.88 19.58 4.76
N ILE A 117 -2.92 18.55 5.59
CA ILE A 117 -2.31 17.30 5.19
C ILE A 117 -3.18 16.71 4.09
N GLU A 118 -4.47 16.93 4.15
CA GLU A 118 -5.37 16.40 3.12
C GLU A 118 -5.14 17.04 1.77
N LEU A 119 -4.88 18.35 1.76
CA LEU A 119 -4.53 19.01 0.51
C LEU A 119 -3.20 18.47 -0.01
N ALA A 120 -2.23 18.26 0.88
CA ALA A 120 -0.95 17.68 0.49
C ALA A 120 -1.15 16.31 -0.16
N LEU A 121 -2.02 15.51 0.43
CA LEU A 121 -2.25 14.15 -0.04
C LEU A 121 -3.02 14.13 -1.37
N TRP A 122 -3.84 15.14 -1.60
CA TRP A 122 -4.60 15.28 -2.87
C TRP A 122 -3.66 15.61 -4.03
N CYS A 123 -2.55 16.27 -3.73
CA CYS A 123 -1.49 16.49 -4.70
C CYS A 123 -0.82 15.16 -5.11
N ASP A 124 -0.21 15.18 -6.28
CA ASP A 124 0.40 13.98 -6.83
C ASP A 124 1.76 13.71 -6.21
N LEU A 125 2.49 14.76 -5.89
CA LEU A 125 3.77 14.62 -5.22
C LEU A 125 3.90 15.72 -4.17
N ARG A 126 4.81 15.49 -3.23
CA ARG A 126 5.04 16.37 -2.08
C ARG A 126 6.52 16.59 -1.87
N VAL A 127 6.90 17.87 -1.94
CA VAL A 127 8.23 18.33 -1.67
C VAL A 127 8.18 19.07 -0.34
N VAL A 128 8.95 18.64 0.65
CA VAL A 128 8.93 19.32 1.94
C VAL A 128 10.27 19.83 2.39
N GLU A 129 10.24 20.88 3.21
CA GLU A 129 11.44 21.44 3.80
C GLU A 129 11.82 20.63 5.04
N GLU A 130 13.12 20.61 5.33
CA GLU A 130 13.72 19.75 6.34
C GLU A 130 13.11 19.91 7.71
N ASP A 131 12.58 21.08 8.00
CA ASP A 131 11.94 21.30 9.28
C ASP A 131 10.41 21.26 9.29
N ALA A 132 9.79 20.90 8.17
CA ALA A 132 8.34 20.85 8.08
C ALA A 132 7.75 19.66 8.84
N VAL A 133 6.48 19.79 9.21
CA VAL A 133 5.75 18.80 10.02
C VAL A 133 4.43 18.51 9.31
N LEU A 134 4.11 17.24 9.11
CA LEU A 134 2.79 16.82 8.64
C LEU A 134 2.10 16.06 9.75
N GLY A 135 0.76 16.11 9.80
CA GLY A 135 0.05 15.33 10.83
C GLY A 135 -1.46 15.47 10.77
N VAL A 136 -2.16 14.48 11.33
CA VAL A 136 -3.64 14.49 11.45
C VAL A 136 -4.02 15.19 12.79
N PHE A 137 -3.76 16.50 12.86
CA PHE A 137 -3.86 17.20 14.15
C PHE A 137 -5.32 17.42 14.58
N CYS A 138 -6.24 17.30 13.62
CA CYS A 138 -7.67 17.40 13.86
C CYS A 138 -8.14 16.27 14.80
N ARG A 139 -7.32 15.23 14.97
CA ARG A 139 -7.60 14.16 15.95
C ARG A 139 -7.80 14.79 17.35
N ARG A 140 -6.94 15.73 17.70
CA ARG A 140 -6.99 16.39 19.01
C ARG A 140 -8.30 17.10 19.24
N TRP A 141 -8.81 17.71 18.16
CA TRP A 141 -9.96 18.63 18.18
C TRP A 141 -11.31 17.92 17.94
N GLY A 142 -11.28 16.67 17.47
CA GLY A 142 -12.52 15.97 17.14
C GLY A 142 -13.17 16.39 15.83
N VAL A 143 -12.39 16.99 14.94
CA VAL A 143 -12.85 17.37 13.61
C VAL A 143 -12.41 16.27 12.65
N PRO A 144 -13.37 15.64 11.95
CA PRO A 144 -13.08 14.46 11.12
C PRO A 144 -12.38 14.81 9.82
N LEU A 145 -11.67 13.83 9.28
CA LEU A 145 -11.10 13.92 7.94
C LEU A 145 -12.25 13.78 6.91
N ILE A 146 -12.61 14.91 6.30
CA ILE A 146 -13.65 14.95 5.28
C ILE A 146 -13.13 15.66 4.04
N ASP A 147 -11.82 15.62 3.82
CA ASP A 147 -11.22 16.06 2.55
C ASP A 147 -10.31 14.98 1.91
N GLY A 148 -10.73 13.73 2.09
CA GLY A 148 -10.14 12.57 1.46
C GLY A 148 -9.00 11.92 2.19
N GLY A 149 -8.63 12.41 3.37
CA GLY A 149 -7.53 11.82 4.12
C GLY A 149 -7.66 10.35 4.45
N THR A 150 -8.89 9.87 4.65
CA THR A 150 -9.11 8.47 5.07
C THR A 150 -8.98 7.57 3.86
N ILE A 151 -9.13 8.13 2.66
CA ILE A 151 -8.99 7.37 1.41
C ILE A 151 -7.56 7.45 0.93
N ARG A 152 -6.97 8.65 0.92
CA ARG A 152 -5.63 8.83 0.36
C ARG A 152 -4.48 8.37 1.25
N LEU A 153 -4.58 8.51 2.56
CA LEU A 153 -3.49 8.03 3.39
C LEU A 153 -3.27 6.51 3.22
N PRO A 154 -4.32 5.68 3.37
CA PRO A 154 -3.97 4.26 3.20
C PRO A 154 -3.47 3.90 1.82
N ARG A 155 -3.98 4.54 0.78
CA ARG A 155 -3.56 4.24 -0.59
C ARG A 155 -2.13 4.73 -0.91
N LEU A 156 -1.75 5.88 -0.37
CA LEU A 156 -0.43 6.47 -0.60
C LEU A 156 0.68 5.77 0.17
N ILE A 157 0.46 5.38 1.43
CA ILE A 157 1.55 4.84 2.24
C ILE A 157 1.28 3.47 2.90
N GLY A 158 0.15 2.86 2.59
CA GLY A 158 -0.17 1.54 3.16
C GLY A 158 -1.10 1.71 4.34
N HIS A 159 -1.97 0.72 4.57
CA HIS A 159 -2.94 0.85 5.65
C HIS A 159 -2.30 0.92 7.05
N SER A 160 -1.23 0.16 7.26
CA SER A 160 -0.63 0.10 8.59
C SER A 160 -0.14 1.47 9.04
N ARG A 161 0.70 2.10 8.22
CA ARG A 161 1.19 3.43 8.58
C ARG A 161 0.08 4.44 8.63
N ALA A 162 -0.88 4.30 7.71
CA ALA A 162 -2.02 5.19 7.67
C ALA A 162 -2.79 5.18 8.97
N MET A 163 -3.04 3.99 9.52
CA MET A 163 -3.76 3.89 10.77
C MET A 163 -3.01 4.50 11.94
N ASP A 164 -1.69 4.41 11.92
CA ASP A 164 -0.85 5.04 12.91
C ASP A 164 -1.13 6.54 12.88
N LEU A 165 -0.99 7.17 11.73
CA LEU A 165 -1.16 8.62 11.65
C LEU A 165 -2.56 9.09 11.99
N ILE A 166 -3.56 8.33 11.54
CA ILE A 166 -4.95 8.68 11.73
C ILE A 166 -5.37 8.55 13.22
N LEU A 167 -5.08 7.41 13.83
CA LEU A 167 -5.50 7.17 15.20
C LEU A 167 -4.78 8.07 16.20
N THR A 168 -3.47 8.28 16.00
CA THR A 168 -2.67 9.01 16.97
C THR A 168 -2.65 10.52 16.75
N GLY A 169 -2.87 10.95 15.52
CA GLY A 169 -2.76 12.37 15.17
C GLY A 169 -1.36 12.93 15.35
N ARG A 170 -0.36 12.06 15.49
CA ARG A 170 0.99 12.51 15.83
C ARG A 170 1.70 13.27 14.72
N PRO A 171 2.67 14.11 15.11
CA PRO A 171 3.43 14.83 14.11
C PRO A 171 4.40 13.92 13.39
N VAL A 172 4.56 14.15 12.09
CA VAL A 172 5.56 13.41 11.32
C VAL A 172 6.53 14.41 10.72
N HIS A 173 7.80 14.30 11.12
CA HIS A 173 8.86 15.19 10.61
C HIS A 173 9.37 14.72 9.26
N ALA A 174 10.19 15.54 8.61
CA ALA A 174 10.53 15.31 7.21
C ALA A 174 11.28 14.00 6.94
N ASN A 175 12.24 13.64 7.76
CA ASN A 175 12.98 12.41 7.54
C ASN A 175 12.06 11.18 7.61
N GLU A 176 11.26 11.05 8.67
CA GLU A 176 10.28 9.96 8.71
C GLU A 176 9.29 10.02 7.52
N ALA A 177 8.81 11.22 7.19
CA ALA A 177 7.83 11.42 6.10
C ALA A 177 8.40 10.86 4.80
N LEU A 178 9.68 11.12 4.56
CA LEU A 178 10.33 10.61 3.37
C LEU A 178 10.55 9.10 3.45
N ASP A 179 11.03 8.61 4.58
CA ASP A 179 11.27 7.17 4.74
C ASP A 179 10.04 6.33 4.47
N ILE A 180 8.87 6.78 4.92
CA ILE A 180 7.65 6.02 4.73
C ILE A 180 6.86 6.33 3.44
N GLY A 181 7.39 7.19 2.58
CA GLY A 181 6.72 7.51 1.32
C GLY A 181 5.59 8.54 1.42
N LEU A 182 5.44 9.15 2.59
CA LEU A 182 4.42 10.21 2.75
C LEU A 182 4.76 11.45 1.95
N VAL A 183 6.06 11.77 1.85
CA VAL A 183 6.56 12.82 0.96
C VAL A 183 7.62 12.23 0.01
N ASN A 184 7.90 12.93 -1.08
CA ASN A 184 8.75 12.41 -2.17
C ASN A 184 10.13 13.08 -2.25
N ARG A 185 10.25 14.33 -1.81
CA ARG A 185 11.53 15.03 -1.68
C ARG A 185 11.63 15.86 -0.38
N VAL A 186 12.84 15.92 0.18
CA VAL A 186 13.12 16.80 1.31
C VAL A 186 14.19 17.79 0.87
N VAL A 187 13.94 19.09 1.09
CA VAL A 187 14.89 20.12 0.71
C VAL A 187 15.14 21.05 1.88
N ALA A 188 16.09 21.97 1.72
CA ALA A 188 16.44 22.89 2.82
C ALA A 188 15.31 23.88 3.12
N ARG A 189 15.37 24.43 4.32
CA ARG A 189 14.43 25.46 4.72
C ARG A 189 14.41 26.59 3.70
N GLY A 190 13.22 27.08 3.37
CA GLY A 190 13.05 28.11 2.35
C GLY A 190 13.09 27.64 0.90
N GLN A 191 13.46 26.40 0.64
CA GLN A 191 13.66 25.92 -0.74
C GLN A 191 12.48 25.19 -1.38
N ALA A 192 11.41 24.91 -0.63
CA ALA A 192 10.32 24.08 -1.16
C ALA A 192 9.67 24.62 -2.42
N ARG A 193 9.31 25.91 -2.45
CA ARG A 193 8.69 26.48 -3.63
C ARG A 193 9.56 26.29 -4.86
N GLU A 194 10.83 26.63 -4.76
CA GLU A 194 11.72 26.51 -5.90
C GLU A 194 11.94 25.06 -6.32
N ALA A 195 12.20 24.16 -5.36
CA ALA A 195 12.38 22.75 -5.70
C ALA A 195 11.13 22.20 -6.40
N ALA A 196 9.94 22.54 -5.91
CA ALA A 196 8.70 22.03 -6.49
C ALA A 196 8.51 22.56 -7.92
N GLU A 197 8.78 23.86 -8.09
CA GLU A 197 8.66 24.47 -9.43
C GLU A 197 9.68 23.85 -10.41
N THR A 198 10.87 23.50 -9.94
CA THR A 198 11.89 22.85 -10.81
C THR A 198 11.37 21.46 -11.25
N LEU A 199 10.87 20.72 -10.27
CA LEU A 199 10.34 19.39 -10.51
C LEU A 199 9.17 19.48 -11.48
N ALA A 200 8.27 20.44 -11.25
CA ALA A 200 7.13 20.65 -12.12
C ALA A 200 7.57 20.97 -13.57
N ALA A 201 8.60 21.81 -13.70
CA ALA A 201 9.14 22.20 -15.01
C ALA A 201 9.72 20.95 -15.70
N GLU A 202 10.36 20.09 -14.94
CA GLU A 202 10.93 18.86 -15.51
C GLU A 202 9.80 17.96 -16.05
N ILE A 203 8.75 17.79 -15.26
CA ILE A 203 7.64 16.93 -15.68
C ILE A 203 6.94 17.54 -16.91
N ALA A 204 6.84 18.87 -16.93
CA ALA A 204 6.20 19.56 -18.04
C ALA A 204 7.01 19.50 -19.35
N ALA A 205 8.32 19.25 -19.29
CA ALA A 205 9.16 19.13 -20.51
C ALA A 205 8.95 17.80 -21.24
N PHE A 206 8.34 16.83 -20.58
CA PHE A 206 8.13 15.52 -21.18
C PHE A 206 6.92 15.60 -22.08
N PRO A 207 6.80 14.67 -23.02
CA PRO A 207 5.57 14.60 -23.83
C PRO A 207 4.33 14.46 -22.96
N GLN A 208 3.40 15.39 -23.12
CA GLN A 208 2.35 15.59 -22.14
C GLN A 208 1.18 14.64 -22.20
N GLN A 209 0.73 14.24 -23.39
CA GLN A 209 -0.42 13.34 -23.44
C GLN A 209 -0.04 11.99 -22.79
N CYS A 210 1.21 11.59 -22.95
CA CYS A 210 1.71 10.38 -22.34
C CYS A 210 1.74 10.49 -20.80
N VAL A 211 2.28 11.59 -20.26
CA VAL A 211 2.25 11.85 -18.81
C VAL A 211 0.81 11.73 -18.28
N ARG A 212 -0.12 12.37 -18.97
CA ARG A 212 -1.50 12.40 -18.53
C ARG A 212 -2.22 11.05 -18.65
N ALA A 213 -1.94 10.28 -19.71
CA ALA A 213 -2.53 8.95 -19.86
C ALA A 213 -2.08 8.02 -18.70
N ASP A 214 -0.79 8.06 -18.39
CA ASP A 214 -0.19 7.21 -17.36
C ASP A 214 -0.71 7.60 -15.98
N ARG A 215 -0.69 8.89 -15.69
CA ARG A 215 -1.23 9.42 -14.43
C ARG A 215 -2.69 9.02 -14.25
N ASP A 216 -3.53 9.26 -15.27
CA ASP A 216 -4.97 9.03 -15.15
C ASP A 216 -5.25 7.54 -14.87
N SER A 217 -4.47 6.67 -15.52
CA SER A 217 -4.57 5.23 -15.29
C SER A 217 -4.11 4.81 -13.88
N ALA A 218 -2.99 5.35 -13.42
CA ALA A 218 -2.51 5.05 -12.07
C ALA A 218 -3.53 5.44 -11.00
N ILE A 219 -4.25 6.54 -11.22
CA ILE A 219 -5.31 6.96 -10.31
C ILE A 219 -6.56 6.13 -10.47
N ALA A 220 -7.02 5.95 -11.70
CA ALA A 220 -8.28 5.22 -11.95
C ALA A 220 -8.23 3.76 -11.53
N GLN A 221 -7.07 3.11 -11.63
CA GLN A 221 -7.02 1.68 -11.35
C GLN A 221 -7.41 1.29 -9.89
N TRP A 222 -7.26 2.21 -8.96
CA TRP A 222 -7.54 1.94 -7.56
C TRP A 222 -8.97 1.42 -7.39
N GLY A 223 -9.10 0.24 -6.82
CA GLY A 223 -10.39 -0.36 -6.56
C GLY A 223 -10.92 -1.24 -7.68
N MET A 224 -10.25 -1.21 -8.85
CA MET A 224 -10.64 -2.01 -10.01
C MET A 224 -10.01 -3.38 -9.92
N ALA A 225 -10.71 -4.37 -10.44
CA ALA A 225 -10.10 -5.66 -10.65
C ALA A 225 -9.03 -5.49 -11.71
N GLU A 226 -7.97 -6.27 -11.64
CA GLU A 226 -6.81 -6.12 -12.51
C GLU A 226 -7.16 -6.16 -14.01
N GLU A 227 -7.96 -7.13 -14.44
CA GLU A 227 -8.31 -7.23 -15.87
C GLU A 227 -8.97 -5.96 -16.38
N ALA A 228 -9.97 -5.49 -15.63
CA ALA A 228 -10.63 -4.24 -15.95
C ALA A 228 -9.64 -3.08 -15.97
N ALA A 229 -8.73 -3.06 -15.00
CA ALA A 229 -7.75 -1.97 -14.91
C ALA A 229 -6.80 -1.97 -16.12
N LEU A 230 -6.43 -3.17 -16.56
CA LEU A 230 -5.53 -3.34 -17.69
C LEU A 230 -6.19 -2.96 -19.00
N ASP A 231 -7.48 -3.28 -19.15
CA ASP A 231 -8.27 -2.85 -20.31
C ASP A 231 -8.30 -1.33 -20.38
N ASN A 232 -8.53 -0.68 -19.23
CA ASN A 232 -8.50 0.78 -19.20
C ASN A 232 -7.11 1.33 -19.56
N GLU A 233 -6.07 0.70 -19.02
CA GLU A 233 -4.70 1.17 -19.22
C GLU A 233 -4.38 1.18 -20.71
N PHE A 234 -4.84 0.14 -21.40
CA PHE A 234 -4.66 0.01 -22.85
C PHE A 234 -5.12 1.25 -23.63
N GLY A 235 -6.20 1.90 -23.19
CA GLY A 235 -6.69 3.14 -23.82
C GLY A 235 -5.64 4.23 -23.99
N SER A 236 -4.54 4.16 -23.25
CA SER A 236 -3.47 5.16 -23.33
C SER A 236 -2.84 5.25 -24.75
N ILE A 237 -2.81 4.13 -25.47
CA ILE A 237 -2.29 4.09 -26.83
C ILE A 237 -3.01 5.12 -27.69
N GLU A 238 -4.32 4.97 -27.73
CA GLU A 238 -5.20 5.87 -28.43
C GLU A 238 -5.04 7.33 -27.98
N ARG A 239 -4.90 7.55 -26.68
CA ARG A 239 -4.75 8.91 -26.17
C ARG A 239 -3.53 9.64 -26.73
N VAL A 240 -2.43 8.90 -26.89
CA VAL A 240 -1.13 9.42 -27.34
C VAL A 240 -0.98 9.42 -28.88
N ALA A 241 -1.70 8.55 -29.58
CA ALA A 241 -1.84 8.67 -31.04
C ALA A 241 -2.48 10.03 -31.37
N THR A 242 -3.65 10.28 -30.80
CA THR A 242 -4.38 11.56 -30.94
C THR A 242 -3.58 12.72 -30.38
N GLN B 10 21.96 -17.87 -29.69
CA GLN B 10 21.43 -16.89 -30.68
C GLN B 10 19.90 -16.75 -30.74
N PRO B 11 19.14 -17.70 -30.17
CA PRO B 11 17.70 -17.44 -30.09
C PRO B 11 17.42 -16.34 -29.06
N ALA B 12 16.46 -15.49 -29.37
CA ALA B 12 16.14 -14.36 -28.51
C ALA B 12 15.66 -14.82 -27.13
N VAL B 13 14.89 -15.90 -27.12
CA VAL B 13 14.40 -16.48 -25.89
C VAL B 13 14.78 -17.94 -25.83
N ARG B 14 15.32 -18.35 -24.70
CA ARG B 14 15.51 -19.78 -24.43
C ARG B 14 15.09 -20.13 -23.02
N VAL B 15 14.96 -21.43 -22.78
CA VAL B 15 14.44 -21.93 -21.52
C VAL B 15 15.34 -23.01 -21.01
N GLU B 16 15.77 -22.89 -19.76
CA GLU B 16 16.59 -23.92 -19.13
C GLU B 16 15.93 -24.33 -17.83
N LYS B 17 15.93 -25.63 -17.57
CA LYS B 17 15.24 -26.19 -16.42
C LYS B 17 16.25 -26.87 -15.49
N ALA B 18 16.09 -26.66 -14.19
CA ALA B 18 16.85 -27.40 -13.17
C ALA B 18 15.84 -27.87 -12.11
N GLY B 19 15.46 -29.13 -12.20
CA GLY B 19 14.40 -29.68 -11.37
C GLY B 19 13.11 -28.88 -11.55
N PRO B 20 12.45 -28.52 -10.44
CA PRO B 20 11.20 -27.81 -10.53
C PRO B 20 11.32 -26.30 -10.82
N VAL B 21 12.52 -25.78 -11.11
CA VAL B 21 12.69 -24.36 -11.47
C VAL B 21 13.00 -24.17 -12.95
N THR B 22 12.14 -23.39 -13.64
CA THR B 22 12.29 -23.09 -15.05
C THR B 22 12.80 -21.67 -15.21
N THR B 23 13.96 -21.52 -15.87
CA THR B 23 14.51 -20.19 -16.13
C THR B 23 14.26 -19.80 -17.58
N VAL B 24 13.54 -18.69 -17.75
CA VAL B 24 13.24 -18.13 -19.07
C VAL B 24 14.25 -17.01 -19.30
N ILE B 25 14.97 -17.09 -20.42
CA ILE B 25 16.16 -16.27 -20.66
C ILE B 25 15.95 -15.43 -21.92
N LEU B 26 16.13 -14.12 -21.77
CA LEU B 26 16.00 -13.17 -22.86
C LEU B 26 17.42 -12.79 -23.26
N ASN B 27 17.73 -12.88 -24.56
CA ASN B 27 19.08 -12.66 -25.04
C ASN B 27 19.10 -11.98 -26.43
N ARG B 28 19.19 -10.65 -26.44
CA ARG B 28 19.28 -9.87 -27.69
C ARG B 28 20.37 -8.83 -27.45
N PRO B 29 21.61 -9.29 -27.53
CA PRO B 29 22.73 -8.50 -27.06
C PRO B 29 22.96 -7.22 -27.85
N HIS B 30 22.62 -7.20 -29.14
CA HIS B 30 22.72 -5.95 -29.90
C HIS B 30 21.63 -4.93 -29.57
N ALA B 31 20.53 -5.37 -28.95
CA ALA B 31 19.36 -4.52 -28.72
C ALA B 31 19.08 -4.29 -27.24
N ARG B 32 20.11 -4.50 -26.40
CA ARG B 32 19.99 -4.37 -24.94
C ARG B 32 18.82 -5.17 -24.38
N ASN B 33 18.55 -6.34 -24.96
CA ASN B 33 17.44 -7.18 -24.55
C ASN B 33 16.07 -6.48 -24.67
N ALA B 34 15.96 -5.54 -25.60
CA ALA B 34 14.67 -4.95 -25.96
C ALA B 34 13.79 -6.05 -26.58
N VAL B 35 12.48 -5.88 -26.47
CA VAL B 35 11.52 -6.90 -26.90
C VAL B 35 10.68 -6.39 -28.06
N ASP B 36 10.90 -6.98 -29.24
CA ASP B 36 10.03 -6.76 -30.39
C ASP B 36 8.88 -7.77 -30.41
N GLY B 37 8.06 -7.67 -31.45
CA GLY B 37 6.92 -8.53 -31.62
C GLY B 37 7.29 -9.99 -31.56
N PRO B 38 8.26 -10.42 -32.39
CA PRO B 38 8.53 -11.85 -32.32
C PRO B 38 9.12 -12.34 -30.95
N THR B 39 9.93 -11.51 -30.31
CA THR B 39 10.46 -11.86 -29.00
C THR B 39 9.35 -11.93 -27.95
N ALA B 40 8.41 -10.98 -28.01
CA ALA B 40 7.28 -10.98 -27.11
C ALA B 40 6.48 -12.28 -27.21
N ALA B 41 6.21 -12.70 -28.45
CA ALA B 41 5.47 -13.96 -28.71
C ALA B 41 6.22 -15.16 -28.14
N ALA B 42 7.55 -15.16 -28.26
CA ALA B 42 8.36 -16.21 -27.67
C ALA B 42 8.37 -16.18 -26.14
N LEU B 43 8.42 -14.99 -25.53
CA LEU B 43 8.29 -14.90 -24.05
C LEU B 43 6.95 -15.45 -23.58
N LEU B 44 5.87 -15.05 -24.25
CA LEU B 44 4.53 -15.57 -23.95
C LEU B 44 4.44 -17.11 -24.04
N ALA B 45 4.96 -17.67 -25.12
CA ALA B 45 4.97 -19.13 -25.31
C ALA B 45 5.78 -19.80 -24.20
N ALA B 46 6.91 -19.21 -23.83
CA ALA B 46 7.75 -19.82 -22.80
C ALA B 46 6.99 -19.91 -21.46
N PHE B 47 6.24 -18.85 -21.14
CA PHE B 47 5.54 -18.79 -19.87
C PHE B 47 4.25 -19.60 -19.91
N THR B 48 3.62 -19.66 -21.07
CA THR B 48 2.47 -20.53 -21.28
C THR B 48 2.88 -21.99 -21.06
N GLU B 49 4.02 -22.42 -21.63
CA GLU B 49 4.57 -23.77 -21.40
C GLU B 49 4.86 -24.03 -19.92
N PHE B 50 5.46 -23.05 -19.26
CA PHE B 50 5.76 -23.17 -17.83
C PHE B 50 4.49 -23.40 -17.04
N ASP B 51 3.50 -22.58 -17.34
CA ASP B 51 2.22 -22.63 -16.64
C ASP B 51 1.56 -24.00 -16.76
N ALA B 52 1.68 -24.65 -17.91
CA ALA B 52 1.07 -25.98 -18.15
C ALA B 52 1.97 -27.15 -17.69
N ASP B 53 3.23 -26.86 -17.36
CA ASP B 53 4.16 -27.92 -17.02
C ASP B 53 3.97 -28.38 -15.55
N PRO B 54 3.41 -29.60 -15.32
CA PRO B 54 3.11 -29.93 -13.93
C PRO B 54 4.34 -30.13 -13.06
N GLU B 55 5.49 -30.40 -13.66
CA GLU B 55 6.73 -30.59 -12.91
C GLU B 55 7.44 -29.27 -12.62
N ALA B 56 7.01 -28.16 -13.24
CA ALA B 56 7.69 -26.87 -13.01
C ALA B 56 6.94 -26.13 -11.92
N SER B 57 7.60 -25.80 -10.82
CA SER B 57 6.95 -25.09 -9.70
C SER B 57 7.11 -23.54 -9.62
N VAL B 58 8.30 -23.04 -9.92
CA VAL B 58 8.61 -21.60 -9.87
C VAL B 58 9.43 -21.27 -11.12
N ALA B 59 9.17 -20.12 -11.74
CA ALA B 59 9.96 -19.65 -12.87
C ALA B 59 10.89 -18.50 -12.45
N VAL B 60 11.98 -18.35 -13.20
CA VAL B 60 12.88 -17.22 -13.07
C VAL B 60 12.93 -16.53 -14.43
N LEU B 61 12.79 -15.22 -14.45
CA LEU B 61 12.97 -14.43 -15.68
C LEU B 61 14.31 -13.70 -15.60
N TRP B 62 15.21 -13.98 -16.54
CA TRP B 62 16.59 -13.51 -16.47
C TRP B 62 17.00 -12.99 -17.82
N GLY B 63 17.63 -11.83 -17.85
CA GLY B 63 18.22 -11.32 -19.09
C GLY B 63 19.69 -11.67 -19.12
N ASP B 64 20.13 -12.17 -20.27
CA ASP B 64 21.51 -12.61 -20.52
C ASP B 64 22.38 -11.42 -20.85
N ASN B 65 23.70 -11.65 -20.75
CA ASN B 65 24.74 -10.72 -21.24
C ASN B 65 24.77 -9.36 -20.54
N GLY B 66 24.47 -9.38 -19.24
CA GLY B 66 24.67 -8.22 -18.36
C GLY B 66 23.53 -7.22 -18.21
N THR B 67 22.38 -7.49 -18.81
CA THR B 67 21.24 -6.62 -18.64
C THR B 67 19.94 -7.41 -18.66
N PHE B 68 18.90 -6.82 -18.08
CA PHE B 68 17.62 -7.47 -17.92
C PHE B 68 16.79 -7.24 -19.18
N CYS B 69 16.29 -6.02 -19.33
CA CYS B 69 15.39 -5.67 -20.43
C CYS B 69 15.17 -4.17 -20.54
N ALA B 70 15.38 -3.64 -21.75
CA ALA B 70 15.32 -2.21 -22.00
C ALA B 70 13.95 -1.74 -22.45
N GLY B 71 12.98 -2.65 -22.51
CA GLY B 71 11.62 -2.29 -22.94
C GLY B 71 11.33 -2.74 -24.37
N ALA B 72 10.32 -2.12 -24.96
CA ALA B 72 9.92 -2.38 -26.33
C ALA B 72 11.05 -1.97 -27.25
N ASP B 73 11.29 -2.79 -28.26
CA ASP B 73 12.32 -2.56 -29.25
C ASP B 73 11.92 -1.34 -30.10
N LEU B 74 12.56 -0.20 -29.83
CA LEU B 74 12.20 1.06 -30.47
C LEU B 74 12.54 1.06 -31.99
N LYS B 75 13.57 0.31 -32.39
CA LYS B 75 13.89 0.15 -33.83
C LYS B 75 12.84 -0.68 -34.58
N ALA B 76 12.29 -1.72 -33.94
CA ALA B 76 11.20 -2.50 -34.53
C ALA B 76 9.87 -1.74 -34.57
N MET B 77 9.74 -0.76 -33.69
CA MET B 77 8.53 0.03 -33.59
C MET B 77 8.26 0.71 -34.93
N GLY B 78 7.00 0.73 -35.33
CA GLY B 78 6.64 1.24 -36.66
C GLY B 78 6.97 0.34 -37.83
N THR B 79 7.23 -0.94 -37.57
CA THR B 79 7.41 -1.92 -38.64
C THR B 79 6.52 -3.11 -38.32
N ASP B 80 6.50 -4.09 -39.20
CA ASP B 80 5.74 -5.31 -38.91
C ASP B 80 6.43 -6.25 -37.91
N ARG B 81 7.62 -5.91 -37.43
CA ARG B 81 8.23 -6.63 -36.31
C ARG B 81 7.92 -5.99 -34.97
N GLY B 82 7.16 -4.90 -34.96
CA GLY B 82 6.83 -4.18 -33.73
C GLY B 82 5.95 -4.96 -32.78
N ASN B 83 5.78 -4.47 -31.56
CA ASN B 83 4.94 -5.16 -30.59
C ASN B 83 3.50 -5.14 -31.04
N GLU B 84 2.76 -6.20 -30.73
CA GLU B 84 1.36 -6.26 -31.14
C GLU B 84 0.51 -5.58 -30.07
N LEU B 85 -0.58 -4.95 -30.51
CA LEU B 85 -1.43 -4.16 -29.63
C LEU B 85 -2.82 -4.77 -29.58
N HIS B 86 -3.08 -5.50 -28.50
CA HIS B 86 -4.32 -6.24 -28.32
C HIS B 86 -5.11 -5.64 -27.15
N PRO B 87 -6.28 -5.05 -27.43
CA PRO B 87 -7.07 -4.40 -26.39
C PRO B 87 -7.28 -5.26 -25.14
N HIS B 88 -7.47 -6.56 -25.31
CA HIS B 88 -7.70 -7.44 -24.17
C HIS B 88 -6.62 -8.46 -23.91
N GLY B 89 -5.40 -8.19 -24.38
CA GLY B 89 -4.28 -9.09 -24.22
C GLY B 89 -4.13 -10.06 -25.40
N PRO B 90 -2.95 -10.70 -25.53
CA PRO B 90 -1.83 -10.54 -24.59
C PRO B 90 -1.16 -9.15 -24.65
N GLY B 91 -0.39 -8.81 -23.63
CA GLY B 91 0.22 -7.48 -23.56
C GLY B 91 1.34 -7.31 -24.57
N PRO B 92 1.71 -6.06 -24.90
CA PRO B 92 2.75 -5.82 -25.90
C PRO B 92 4.11 -6.47 -25.64
N MET B 93 4.48 -6.57 -24.37
CA MET B 93 5.76 -7.16 -24.02
C MET B 93 5.71 -8.69 -24.04
N GLY B 94 4.52 -9.27 -24.18
CA GLY B 94 4.35 -10.73 -24.28
C GLY B 94 3.51 -11.31 -23.14
N PRO B 95 4.15 -11.61 -22.00
CA PRO B 95 3.45 -12.25 -20.87
C PRO B 95 2.83 -11.31 -19.82
N SER B 96 2.85 -10.01 -20.08
CA SER B 96 2.55 -9.02 -19.04
C SER B 96 1.10 -8.98 -18.57
N ARG B 97 0.18 -9.60 -19.32
CA ARG B 97 -1.20 -9.71 -18.88
C ARG B 97 -1.62 -11.15 -18.56
N LEU B 98 -0.65 -12.05 -18.55
CA LEU B 98 -0.90 -13.44 -18.25
C LEU B 98 -0.87 -13.62 -16.75
N ARG B 99 -1.95 -14.17 -16.24
CA ARG B 99 -2.03 -14.42 -14.83
C ARG B 99 -1.62 -15.85 -14.61
N LEU B 100 -0.35 -16.06 -14.31
CA LEU B 100 0.17 -17.42 -14.16
C LEU B 100 -0.36 -18.07 -12.89
N SER B 101 -0.51 -19.40 -12.95
CA SER B 101 -0.94 -20.21 -11.80
C SER B 101 0.17 -20.45 -10.77
N LYS B 102 1.42 -20.11 -11.13
CA LYS B 102 2.62 -20.31 -10.30
C LYS B 102 3.53 -19.08 -10.37
N PRO B 103 4.36 -18.86 -9.32
CA PRO B 103 5.13 -17.62 -9.22
C PRO B 103 6.37 -17.53 -10.12
N VAL B 104 6.75 -16.30 -10.39
CA VAL B 104 7.95 -15.99 -11.19
C VAL B 104 8.82 -15.01 -10.43
N ILE B 105 10.12 -15.25 -10.45
CA ILE B 105 11.09 -14.35 -9.84
C ILE B 105 11.91 -13.64 -10.92
N ALA B 106 11.96 -12.30 -10.86
CA ALA B 106 12.80 -11.50 -11.77
C ALA B 106 14.25 -11.52 -11.27
N ALA B 107 15.20 -11.81 -12.15
CA ALA B 107 16.64 -11.81 -11.85
C ALA B 107 17.26 -10.71 -12.69
N ILE B 108 17.47 -9.54 -12.07
CA ILE B 108 17.79 -8.32 -12.80
C ILE B 108 19.27 -7.91 -12.68
N SER B 109 19.91 -7.80 -13.83
CA SER B 109 21.19 -7.18 -13.95
C SER B 109 20.98 -5.96 -14.82
N GLY B 110 21.97 -5.09 -14.83
CA GLY B 110 21.96 -3.95 -15.77
C GLY B 110 20.73 -3.09 -15.65
N HIS B 111 19.98 -2.93 -16.75
CA HIS B 111 18.81 -2.07 -16.76
C HIS B 111 17.50 -2.87 -16.85
N ALA B 112 16.52 -2.46 -16.06
CA ALA B 112 15.12 -2.86 -16.24
C ALA B 112 14.30 -1.60 -16.38
N VAL B 113 14.10 -1.18 -17.62
CA VAL B 113 13.46 0.09 -17.89
C VAL B 113 12.32 -0.04 -18.88
N ALA B 114 11.39 0.91 -18.78
CA ALA B 114 10.22 0.99 -19.65
C ALA B 114 9.47 -0.34 -19.56
N GLY B 115 9.14 -0.96 -20.69
CA GLY B 115 8.58 -2.30 -20.69
C GLY B 115 9.30 -3.31 -19.82
N GLY B 116 10.62 -3.14 -19.69
CA GLY B 116 11.44 -3.96 -18.80
C GLY B 116 11.11 -3.85 -17.32
N ILE B 117 10.89 -2.63 -16.83
CA ILE B 117 10.41 -2.51 -15.47
C ILE B 117 9.01 -3.13 -15.32
N GLU B 118 8.18 -3.04 -16.36
CA GLU B 118 6.84 -3.65 -16.31
C GLU B 118 6.90 -5.18 -16.21
N LEU B 119 7.79 -5.80 -16.98
CA LEU B 119 8.04 -7.24 -16.80
C LEU B 119 8.54 -7.54 -15.37
N ALA B 120 9.41 -6.70 -14.83
CA ALA B 120 9.90 -6.91 -13.45
C ALA B 120 8.73 -6.87 -12.46
N LEU B 121 7.83 -5.90 -12.63
CA LEU B 121 6.70 -5.70 -11.74
C LEU B 121 5.63 -6.81 -11.86
N TRP B 122 5.52 -7.38 -13.05
CA TRP B 122 4.63 -8.50 -13.32
C TRP B 122 5.11 -9.75 -12.59
N CYS B 123 6.42 -9.89 -12.40
CA CYS B 123 6.93 -10.98 -11.56
C CYS B 123 6.49 -10.82 -10.09
N ASP B 124 6.54 -11.92 -9.34
CA ASP B 124 6.14 -11.93 -7.94
C ASP B 124 7.16 -11.33 -7.00
N LEU B 125 8.44 -11.59 -7.27
CA LEU B 125 9.56 -11.05 -6.51
C LEU B 125 10.65 -10.61 -7.50
N ARG B 126 11.52 -9.72 -7.02
CA ARG B 126 12.60 -9.15 -7.83
C ARG B 126 13.90 -9.24 -7.05
N VAL B 127 14.88 -9.91 -7.65
CA VAL B 127 16.22 -10.00 -7.09
C VAL B 127 17.06 -9.18 -8.05
N VAL B 128 17.81 -8.22 -7.54
CA VAL B 128 18.53 -7.29 -8.38
C VAL B 128 20.03 -7.23 -8.01
N GLU B 129 20.87 -6.91 -9.00
CA GLU B 129 22.29 -6.75 -8.77
C GLU B 129 22.56 -5.33 -8.25
N GLU B 130 23.59 -5.19 -7.43
CA GLU B 130 23.84 -3.92 -6.74
C GLU B 130 24.09 -2.72 -7.67
N ASP B 131 24.56 -2.93 -8.90
CA ASP B 131 24.75 -1.82 -9.83
C ASP B 131 23.58 -1.69 -10.84
N ALA B 132 22.49 -2.40 -10.58
CA ALA B 132 21.36 -2.38 -11.52
C ALA B 132 20.50 -1.14 -11.32
N VAL B 133 19.82 -0.77 -12.39
CA VAL B 133 19.01 0.45 -12.42
C VAL B 133 17.66 0.09 -13.01
N LEU B 134 16.58 0.51 -12.33
CA LEU B 134 15.19 0.37 -12.80
C LEU B 134 14.61 1.76 -13.11
N GLY B 135 13.66 1.85 -14.03
CA GLY B 135 13.07 3.17 -14.27
C GLY B 135 11.99 3.22 -15.32
N VAL B 136 11.11 4.22 -15.22
CA VAL B 136 10.07 4.44 -16.22
C VAL B 136 10.62 5.35 -17.35
N PHE B 137 11.60 4.85 -18.10
CA PHE B 137 12.33 5.70 -19.05
C PHE B 137 11.47 6.09 -20.26
N CYS B 138 10.40 5.31 -20.48
CA CYS B 138 9.41 5.62 -21.51
C CYS B 138 8.74 6.99 -21.30
N ARG B 139 8.81 7.52 -20.07
CA ARG B 139 8.36 8.88 -19.77
C ARG B 139 9.06 9.88 -20.69
N ARG B 140 10.37 9.76 -20.80
CA ARG B 140 11.16 10.61 -21.71
C ARG B 140 10.82 10.40 -23.15
N TRP B 141 10.51 9.16 -23.48
CA TRP B 141 10.34 8.80 -24.88
C TRP B 141 8.96 9.16 -25.38
N GLY B 142 8.04 9.41 -24.45
CA GLY B 142 6.66 9.69 -24.83
C GLY B 142 5.86 8.45 -25.23
N VAL B 143 6.25 7.29 -24.73
CA VAL B 143 5.55 6.02 -25.00
C VAL B 143 4.85 5.60 -23.68
N PRO B 144 3.52 5.36 -23.72
CA PRO B 144 2.78 5.10 -22.48
C PRO B 144 3.07 3.74 -21.86
N LEU B 145 2.87 3.63 -20.54
CA LEU B 145 2.87 2.34 -19.86
C LEU B 145 1.61 1.55 -20.23
N ILE B 146 1.80 0.49 -21.01
CA ILE B 146 0.69 -0.36 -21.45
C ILE B 146 0.99 -1.85 -21.23
N ASP B 147 1.85 -2.15 -20.26
CA ASP B 147 2.12 -3.53 -19.82
C ASP B 147 1.99 -3.66 -18.31
N GLY B 148 1.02 -2.90 -17.78
CA GLY B 148 0.57 -2.99 -16.40
C GLY B 148 1.27 -2.12 -15.39
N GLY B 149 2.24 -1.33 -15.82
CA GLY B 149 3.01 -0.51 -14.88
C GLY B 149 2.16 0.45 -14.05
N THR B 150 1.09 0.98 -14.65
CA THR B 150 0.25 1.96 -13.96
C THR B 150 -0.60 1.31 -12.85
N ILE B 151 -0.74 -0.01 -12.92
CA ILE B 151 -1.55 -0.76 -11.96
C ILE B 151 -0.68 -1.38 -10.87
N ARG B 152 0.42 -1.98 -11.31
CA ARG B 152 1.26 -2.73 -10.44
C ARG B 152 2.15 -1.85 -9.62
N LEU B 153 2.64 -0.74 -10.19
CA LEU B 153 3.50 0.13 -9.37
C LEU B 153 2.80 0.66 -8.09
N PRO B 154 1.61 1.25 -8.20
CA PRO B 154 0.95 1.74 -7.01
C PRO B 154 0.62 0.63 -6.00
N ARG B 155 0.21 -0.52 -6.50
CA ARG B 155 -0.19 -1.64 -5.63
C ARG B 155 1.02 -2.26 -4.93
N LEU B 156 2.15 -2.26 -5.62
CA LEU B 156 3.37 -2.88 -5.12
C LEU B 156 4.06 -2.02 -4.06
N ILE B 157 4.16 -0.70 -4.25
CA ILE B 157 4.94 0.15 -3.35
C ILE B 157 4.19 1.35 -2.79
N GLY B 158 2.89 1.47 -3.11
CA GLY B 158 2.04 2.57 -2.65
C GLY B 158 1.93 3.65 -3.72
N HIS B 159 0.84 4.44 -3.64
CA HIS B 159 0.54 5.42 -4.67
C HIS B 159 1.57 6.53 -4.74
N SER B 160 2.07 6.96 -3.58
CA SER B 160 2.98 8.11 -3.53
C SER B 160 4.29 7.85 -4.25
N ARG B 161 4.98 6.80 -3.84
CA ARG B 161 6.22 6.42 -4.53
CA ARG B 161 6.22 6.43 -4.51
C ARG B 161 5.99 6.05 -5.98
N ALA B 162 4.87 5.40 -6.29
CA ALA B 162 4.58 5.05 -7.69
C ALA B 162 4.47 6.31 -8.57
N MET B 163 3.76 7.31 -8.07
CA MET B 163 3.60 8.56 -8.83
C MET B 163 4.93 9.27 -9.08
N ASP B 164 5.83 9.24 -8.11
CA ASP B 164 7.22 9.71 -8.27
C ASP B 164 7.84 9.05 -9.49
N LEU B 165 7.94 7.73 -9.44
CA LEU B 165 8.57 6.97 -10.51
C LEU B 165 7.90 7.17 -11.85
N ILE B 166 6.57 7.20 -11.88
CA ILE B 166 5.83 7.31 -13.13
C ILE B 166 5.96 8.72 -13.78
N LEU B 167 5.77 9.75 -12.97
CA LEU B 167 5.75 11.13 -13.45
C LEU B 167 7.16 11.58 -13.85
N THR B 168 8.17 11.21 -13.06
CA THR B 168 9.52 11.71 -13.32
C THR B 168 10.30 10.82 -14.27
N GLY B 169 9.99 9.52 -14.33
CA GLY B 169 10.74 8.61 -15.21
C GLY B 169 12.16 8.36 -14.73
N ARG B 170 12.46 8.69 -13.49
CA ARG B 170 13.83 8.73 -13.01
C ARG B 170 14.42 7.34 -12.75
N PRO B 171 15.76 7.24 -12.87
CA PRO B 171 16.45 6.00 -12.55
C PRO B 171 16.42 5.73 -11.04
N VAL B 172 16.21 4.49 -10.67
CA VAL B 172 16.25 4.09 -9.29
C VAL B 172 17.32 3.05 -9.16
N HIS B 173 18.31 3.31 -8.30
CA HIS B 173 19.38 2.35 -8.05
C HIS B 173 18.94 1.31 -7.02
N ALA B 174 19.80 0.31 -6.82
CA ALA B 174 19.40 -0.90 -6.14
C ALA B 174 19.08 -0.64 -4.70
N ASN B 175 19.89 0.20 -4.05
CA ASN B 175 19.69 0.49 -2.62
CA ASN B 175 19.66 0.46 -2.62
C ASN B 175 18.34 1.20 -2.37
N GLU B 176 18.05 2.23 -3.16
CA GLU B 176 16.74 2.90 -3.07
C GLU B 176 15.60 1.91 -3.38
N ALA B 177 15.79 1.10 -4.44
CA ALA B 177 14.80 0.13 -4.89
C ALA B 177 14.42 -0.81 -3.74
N LEU B 178 15.42 -1.25 -2.98
CA LEU B 178 15.18 -2.14 -1.87
C LEU B 178 14.45 -1.45 -0.72
N ASP B 179 14.95 -0.26 -0.38
CA ASP B 179 14.38 0.55 0.68
C ASP B 179 12.89 0.83 0.51
N ILE B 180 12.44 1.03 -0.74
CA ILE B 180 11.05 1.41 -1.03
C ILE B 180 10.17 0.19 -1.38
N GLY B 181 10.79 -0.99 -1.43
CA GLY B 181 10.10 -2.23 -1.70
C GLY B 181 9.88 -2.52 -3.16
N LEU B 182 10.53 -1.76 -4.02
CA LEU B 182 10.45 -2.00 -5.45
C LEU B 182 11.11 -3.33 -5.84
N VAL B 183 12.18 -3.70 -5.14
CA VAL B 183 12.83 -5.00 -5.29
C VAL B 183 12.89 -5.63 -3.90
N ASN B 184 13.11 -6.93 -3.86
CA ASN B 184 13.07 -7.71 -2.64
C ASN B 184 14.43 -8.19 -2.11
N ARG B 185 15.41 -8.30 -3.00
CA ARG B 185 16.77 -8.71 -2.63
C ARG B 185 17.76 -7.99 -3.53
N VAL B 186 18.90 -7.65 -2.94
CA VAL B 186 20.03 -7.07 -3.65
C VAL B 186 21.23 -7.99 -3.45
N VAL B 187 21.87 -8.38 -4.55
CA VAL B 187 23.03 -9.24 -4.54
C VAL B 187 24.15 -8.61 -5.39
N ALA B 188 25.34 -9.23 -5.37
CA ALA B 188 26.51 -8.65 -6.03
C ALA B 188 26.38 -8.77 -7.54
N ARG B 189 27.19 -7.99 -8.26
CA ARG B 189 27.21 -8.01 -9.71
C ARG B 189 27.41 -9.45 -10.21
N GLY B 190 26.70 -9.82 -11.27
CA GLY B 190 26.75 -11.19 -11.82
C GLY B 190 26.00 -12.33 -11.10
N GLN B 191 25.45 -12.04 -9.90
CA GLN B 191 24.82 -13.07 -9.06
C GLN B 191 23.27 -13.13 -9.07
N ALA B 192 22.61 -12.25 -9.81
CA ALA B 192 21.15 -12.22 -9.79
C ALA B 192 20.56 -13.55 -10.24
N ARG B 193 21.09 -14.12 -11.32
CA ARG B 193 20.50 -15.37 -11.81
C ARG B 193 20.60 -16.50 -10.76
N GLU B 194 21.78 -16.68 -10.19
CA GLU B 194 21.96 -17.73 -9.20
C GLU B 194 21.10 -17.51 -7.96
N ALA B 195 21.14 -16.28 -7.44
CA ALA B 195 20.37 -15.92 -6.25
C ALA B 195 18.86 -16.11 -6.48
N ALA B 196 18.36 -15.72 -7.65
CA ALA B 196 16.94 -15.94 -7.99
C ALA B 196 16.61 -17.43 -8.09
N GLU B 197 17.50 -18.23 -8.68
CA GLU B 197 17.27 -19.68 -8.84
C GLU B 197 17.28 -20.40 -7.49
N THR B 198 18.13 -19.91 -6.60
CA THR B 198 18.19 -20.43 -5.23
C THR B 198 16.90 -20.09 -4.46
N LEU B 199 16.46 -18.84 -4.55
CA LEU B 199 15.22 -18.45 -3.93
C LEU B 199 14.02 -19.23 -4.54
N ALA B 200 13.99 -19.36 -5.86
CA ALA B 200 12.97 -20.16 -6.52
C ALA B 200 12.93 -21.62 -6.01
N ALA B 201 14.09 -22.22 -5.76
CA ALA B 201 14.16 -23.61 -5.30
C ALA B 201 13.68 -23.75 -3.85
N GLU B 202 14.00 -22.74 -3.04
CA GLU B 202 13.47 -22.65 -1.69
C GLU B 202 11.95 -22.64 -1.68
N ILE B 203 11.35 -21.79 -2.52
CA ILE B 203 9.91 -21.70 -2.61
C ILE B 203 9.33 -23.02 -3.18
N ALA B 204 10.02 -23.61 -4.15
CA ALA B 204 9.60 -24.88 -4.74
C ALA B 204 9.61 -26.04 -3.74
N ALA B 205 10.41 -25.94 -2.67
CA ALA B 205 10.53 -27.03 -1.70
C ALA B 205 9.37 -27.08 -0.70
N PHE B 206 8.57 -26.02 -0.61
CA PHE B 206 7.42 -26.02 0.29
C PHE B 206 6.20 -26.74 -0.33
N PRO B 207 5.21 -27.10 0.50
CA PRO B 207 4.04 -27.72 -0.14
C PRO B 207 3.36 -26.77 -1.14
N GLN B 208 3.17 -27.23 -2.36
CA GLN B 208 2.93 -26.32 -3.47
C GLN B 208 1.48 -25.88 -3.66
N GLN B 209 0.53 -26.76 -3.40
CA GLN B 209 -0.87 -26.38 -3.48
C GLN B 209 -1.18 -25.26 -2.48
N CYS B 210 -0.57 -25.34 -1.31
CA CYS B 210 -0.75 -24.29 -0.31
C CYS B 210 -0.09 -22.95 -0.75
N VAL B 211 1.13 -22.99 -1.28
CA VAL B 211 1.79 -21.80 -1.85
C VAL B 211 0.89 -21.13 -2.89
N ARG B 212 0.32 -21.94 -3.77
CA ARG B 212 -0.46 -21.44 -4.90
C ARG B 212 -1.80 -20.90 -4.46
N ALA B 213 -2.42 -21.54 -3.47
CA ALA B 213 -3.65 -21.01 -2.88
C ALA B 213 -3.40 -19.63 -2.26
N ASP B 214 -2.37 -19.50 -1.41
CA ASP B 214 -2.10 -18.22 -0.75
C ASP B 214 -1.76 -17.14 -1.78
N ARG B 215 -0.93 -17.49 -2.77
CA ARG B 215 -0.52 -16.55 -3.80
C ARG B 215 -1.73 -16.09 -4.60
N ASP B 216 -2.55 -17.03 -5.05
CA ASP B 216 -3.68 -16.66 -5.89
C ASP B 216 -4.62 -15.72 -5.15
N SER B 217 -4.78 -15.95 -3.84
CA SER B 217 -5.68 -15.12 -3.06
C SER B 217 -5.07 -13.73 -2.85
N ALA B 218 -3.77 -13.66 -2.59
CA ALA B 218 -3.10 -12.37 -2.41
C ALA B 218 -3.22 -11.49 -3.67
N ILE B 219 -3.25 -12.12 -4.82
CA ILE B 219 -3.40 -11.45 -6.10
C ILE B 219 -4.87 -11.06 -6.38
N ALA B 220 -5.78 -12.02 -6.24
CA ALA B 220 -7.20 -11.85 -6.57
C ALA B 220 -7.88 -10.81 -5.68
N GLN B 221 -7.45 -10.70 -4.44
CA GLN B 221 -8.10 -9.80 -3.46
C GLN B 221 -8.08 -8.32 -3.81
N TRP B 222 -7.07 -7.89 -4.56
CA TRP B 222 -6.97 -6.51 -4.97
C TRP B 222 -8.24 -6.08 -5.70
N GLY B 223 -8.75 -4.93 -5.30
CA GLY B 223 -10.00 -4.38 -5.82
C GLY B 223 -11.29 -4.87 -5.18
N MET B 224 -11.22 -6.04 -4.54
CA MET B 224 -12.38 -6.67 -3.91
C MET B 224 -12.68 -6.03 -2.58
N ALA B 225 -13.96 -6.04 -2.23
CA ALA B 225 -14.37 -5.68 -0.89
C ALA B 225 -13.87 -6.76 0.08
N GLU B 226 -13.49 -6.36 1.30
CA GLU B 226 -12.82 -7.27 2.24
C GLU B 226 -13.59 -8.57 2.44
N GLU B 227 -14.90 -8.45 2.52
CA GLU B 227 -15.76 -9.57 2.82
C GLU B 227 -15.76 -10.63 1.74
N ALA B 228 -15.96 -10.18 0.49
CA ALA B 228 -15.80 -11.04 -0.67
C ALA B 228 -14.39 -11.62 -0.75
N ALA B 229 -13.37 -10.82 -0.43
CA ALA B 229 -11.98 -11.32 -0.48
C ALA B 229 -11.76 -12.49 0.51
N LEU B 230 -12.33 -12.35 1.69
CA LEU B 230 -12.24 -13.34 2.75
C LEU B 230 -12.97 -14.62 2.38
N ASP B 231 -14.12 -14.46 1.72
CA ASP B 231 -14.90 -15.60 1.24
C ASP B 231 -14.11 -16.37 0.20
N ASN B 232 -13.44 -15.65 -0.69
CA ASN B 232 -12.54 -16.29 -1.66
C ASN B 232 -11.35 -16.99 -1.00
N GLU B 233 -10.74 -16.30 -0.03
CA GLU B 233 -9.59 -16.86 0.70
C GLU B 233 -9.88 -18.21 1.38
N PHE B 234 -11.08 -18.32 1.96
CA PHE B 234 -11.56 -19.55 2.60
C PHE B 234 -11.48 -20.79 1.69
N GLY B 235 -11.65 -20.59 0.38
CA GLY B 235 -11.52 -21.66 -0.64
C GLY B 235 -10.18 -22.38 -0.64
N SER B 236 -9.16 -21.76 -0.04
CA SER B 236 -7.84 -22.40 0.06
C SER B 236 -7.86 -23.72 0.82
N ILE B 237 -8.81 -23.88 1.75
CA ILE B 237 -8.92 -25.14 2.52
C ILE B 237 -9.15 -26.30 1.58
N GLU B 238 -10.13 -26.16 0.72
CA GLU B 238 -10.44 -27.17 -0.27
C GLU B 238 -9.27 -27.37 -1.21
N ARG B 239 -8.61 -26.29 -1.63
CA ARG B 239 -7.48 -26.45 -2.55
C ARG B 239 -6.36 -27.34 -2.01
N VAL B 240 -6.13 -27.28 -0.72
CA VAL B 240 -5.01 -28.03 -0.15
C VAL B 240 -5.41 -29.40 0.40
N ALA B 241 -6.69 -29.76 0.33
CA ALA B 241 -7.19 -30.97 1.00
C ALA B 241 -6.35 -32.23 0.73
N THR B 242 -6.05 -32.49 -0.54
CA THR B 242 -5.23 -33.66 -0.86
C THR B 242 -3.81 -33.57 -0.32
N GLU B 243 -3.21 -32.41 -0.52
CA GLU B 243 -1.84 -32.18 -0.08
C GLU B 243 -1.71 -32.30 1.44
N ALA B 244 -2.70 -31.78 2.17
CA ALA B 244 -2.74 -31.88 3.65
C ALA B 244 -2.72 -33.34 4.11
N LEU B 245 -3.50 -34.20 3.45
CA LEU B 245 -3.49 -35.63 3.81
C LEU B 245 -2.17 -36.29 3.48
N GLU B 246 -1.62 -35.95 2.32
CA GLU B 246 -0.30 -36.45 1.95
C GLU B 246 0.73 -36.11 3.03
N GLY B 247 0.65 -34.91 3.59
CA GLY B 247 1.59 -34.47 4.61
C GLY B 247 1.22 -34.78 6.05
N ALA B 248 0.11 -35.49 6.27
CA ALA B 248 -0.46 -35.72 7.61
C ALA B 248 0.49 -36.40 8.62
N GLY B 249 1.29 -37.37 8.20
CA GLY B 249 2.10 -38.12 9.17
C GLY B 249 3.52 -38.39 8.71
N GLN C 10 -5.75 -20.11 34.95
CA GLN C 10 -5.33 -20.77 33.67
C GLN C 10 -6.42 -20.92 32.63
N PRO C 11 -7.44 -20.05 32.66
CA PRO C 11 -8.29 -19.99 31.49
C PRO C 11 -7.45 -19.52 30.31
N ALA C 12 -7.71 -20.08 29.14
CA ALA C 12 -6.97 -19.76 27.94
C ALA C 12 -7.10 -18.29 27.55
N VAL C 13 -8.26 -17.69 27.82
CA VAL C 13 -8.52 -16.28 27.50
C VAL C 13 -9.05 -15.59 28.75
N ARG C 14 -8.49 -14.43 29.07
CA ARG C 14 -9.01 -13.64 30.15
C ARG C 14 -8.99 -12.16 29.72
N VAL C 15 -9.80 -11.36 30.42
CA VAL C 15 -10.00 -9.98 30.03
C VAL C 15 -9.77 -9.09 31.23
N GLU C 16 -8.94 -8.08 31.07
CA GLU C 16 -8.66 -7.14 32.16
C GLU C 16 -8.91 -5.73 31.64
N LYS C 17 -9.65 -4.95 32.43
CA LYS C 17 -10.04 -3.59 32.06
C LYS C 17 -9.33 -2.53 32.95
N ALA C 18 -8.87 -1.44 32.34
CA ALA C 18 -8.30 -0.30 33.06
C ALA C 18 -8.91 0.96 32.47
N GLY C 19 -9.92 1.48 33.14
CA GLY C 19 -10.78 2.53 32.56
C GLY C 19 -11.27 2.15 31.16
N PRO C 20 -11.01 3.02 30.16
CA PRO C 20 -11.58 2.79 28.84
C PRO C 20 -10.75 1.86 27.92
N VAL C 21 -9.75 1.17 28.48
CA VAL C 21 -8.92 0.21 27.75
C VAL C 21 -9.17 -1.22 28.26
N THR C 22 -9.54 -2.09 27.32
CA THR C 22 -9.82 -3.49 27.59
C THR C 22 -8.68 -4.34 27.00
N THR C 23 -8.01 -5.07 27.88
CA THR C 23 -6.93 -5.97 27.45
C THR C 23 -7.42 -7.41 27.39
N VAL C 24 -7.34 -8.01 26.20
CA VAL C 24 -7.68 -9.41 25.94
C VAL C 24 -6.37 -10.21 25.92
N ILE C 25 -6.31 -11.20 26.80
CA ILE C 25 -5.09 -11.91 27.09
C ILE C 25 -5.25 -13.39 26.72
N LEU C 26 -4.36 -13.84 25.84
CA LEU C 26 -4.27 -15.23 25.46
C LEU C 26 -3.18 -15.87 26.31
N ASN C 27 -3.50 -17.01 26.92
CA ASN C 27 -2.54 -17.68 27.82
C ASN C 27 -2.64 -19.20 27.72
N ARG C 28 -1.81 -19.79 26.86
CA ARG C 28 -1.76 -21.25 26.75
C ARG C 28 -0.29 -21.64 26.72
N PRO C 29 0.32 -21.68 27.91
CA PRO C 29 1.78 -21.82 27.98
C PRO C 29 2.32 -23.09 27.32
N HIS C 30 1.61 -24.21 27.43
CA HIS C 30 2.09 -25.44 26.81
C HIS C 30 2.04 -25.41 25.31
N ALA C 31 1.13 -24.63 24.77
CA ALA C 31 0.89 -24.61 23.33
C ALA C 31 1.45 -23.33 22.70
N ARG C 32 2.30 -22.63 23.45
CA ARG C 32 2.92 -21.39 22.97
C ARG C 32 1.84 -20.40 22.47
N ASN C 33 0.71 -20.35 23.19
CA ASN C 33 -0.44 -19.52 22.85
C ASN C 33 -1.05 -19.82 21.49
N ALA C 34 -0.86 -21.05 21.00
CA ALA C 34 -1.61 -21.52 19.85
C ALA C 34 -3.11 -21.55 20.21
N VAL C 35 -3.94 -21.37 19.18
CA VAL C 35 -5.38 -21.21 19.32
C VAL C 35 -6.15 -22.40 18.70
N ASP C 36 -6.79 -23.18 19.56
CA ASP C 36 -7.69 -24.22 19.10
C ASP C 36 -9.11 -23.68 19.00
N GLY C 37 -10.04 -24.58 18.72
CA GLY C 37 -11.46 -24.24 18.65
C GLY C 37 -12.05 -23.53 19.85
N PRO C 38 -11.94 -24.14 21.05
CA PRO C 38 -12.53 -23.46 22.20
C PRO C 38 -11.86 -22.12 22.50
N THR C 39 -10.55 -22.01 22.25
CA THR C 39 -9.84 -20.75 22.49
C THR C 39 -10.30 -19.68 21.52
N ALA C 40 -10.44 -20.06 20.26
CA ALA C 40 -10.98 -19.16 19.25
C ALA C 40 -12.36 -18.63 19.65
N ALA C 41 -13.27 -19.53 20.03
CA ALA C 41 -14.62 -19.12 20.51
C ALA C 41 -14.49 -18.09 21.65
N ALA C 42 -13.57 -18.33 22.57
CA ALA C 42 -13.39 -17.42 23.71
C ALA C 42 -12.79 -16.07 23.30
N LEU C 43 -11.83 -16.10 22.37
CA LEU C 43 -11.31 -14.86 21.78
C LEU C 43 -12.43 -14.10 21.12
N LEU C 44 -13.25 -14.79 20.31
CA LEU C 44 -14.38 -14.14 19.63
C LEU C 44 -15.33 -13.51 20.67
N ALA C 45 -15.66 -14.26 21.72
CA ALA C 45 -16.60 -13.75 22.72
C ALA C 45 -16.00 -12.54 23.42
N ALA C 46 -14.72 -12.60 23.76
CA ALA C 46 -14.08 -11.45 24.41
C ALA C 46 -14.22 -10.20 23.55
N PHE C 47 -14.00 -10.31 22.23
CA PHE C 47 -14.03 -9.14 21.37
C PHE C 47 -15.45 -8.68 21.08
N THR C 48 -16.38 -9.63 20.99
CA THR C 48 -17.80 -9.32 20.88
C THR C 48 -18.29 -8.47 22.06
N GLU C 49 -17.93 -8.89 23.28
CA GLU C 49 -18.18 -8.12 24.50
C GLU C 49 -17.53 -6.75 24.44
N PHE C 50 -16.29 -6.67 23.98
CA PHE C 50 -15.61 -5.38 23.90
C PHE C 50 -16.37 -4.42 23.00
N ASP C 51 -16.76 -4.95 21.86
CA ASP C 51 -17.45 -4.18 20.84
C ASP C 51 -18.74 -3.60 21.42
N ALA C 52 -19.45 -4.37 22.26
CA ALA C 52 -20.74 -3.94 22.83
C ALA C 52 -20.62 -3.11 24.12
N ASP C 53 -19.45 -3.07 24.75
CA ASP C 53 -19.27 -2.36 26.01
C ASP C 53 -19.09 -0.85 25.77
N PRO C 54 -20.08 -0.02 26.16
CA PRO C 54 -20.02 1.40 25.77
C PRO C 54 -18.96 2.19 26.53
N GLU C 55 -18.49 1.63 27.65
CA GLU C 55 -17.40 2.23 28.45
CA GLU C 55 -17.42 2.27 28.39
C GLU C 55 -16.02 1.86 27.90
N ALA C 56 -15.94 0.91 26.97
CA ALA C 56 -14.62 0.48 26.48
C ALA C 56 -14.34 1.16 25.15
N SER C 57 -13.21 1.85 25.02
CA SER C 57 -12.88 2.63 23.82
C SER C 57 -11.85 1.95 22.90
N VAL C 58 -10.80 1.37 23.48
CA VAL C 58 -9.72 0.78 22.71
C VAL C 58 -9.36 -0.55 23.36
N ALA C 59 -9.10 -1.58 22.54
CA ALA C 59 -8.67 -2.88 23.10
C ALA C 59 -7.20 -3.14 22.82
N VAL C 60 -6.60 -3.97 23.66
CA VAL C 60 -5.23 -4.44 23.47
C VAL C 60 -5.30 -5.95 23.41
N LEU C 61 -4.66 -6.58 22.40
CA LEU C 61 -4.57 -8.04 22.35
C LEU C 61 -3.15 -8.41 22.75
N TRP C 62 -3.03 -9.20 23.83
CA TRP C 62 -1.73 -9.52 24.40
C TRP C 62 -1.60 -10.97 24.73
N GLY C 63 -0.48 -11.55 24.31
CA GLY C 63 -0.16 -12.90 24.68
C GLY C 63 0.65 -12.91 25.97
N ASP C 64 0.23 -13.77 26.90
CA ASP C 64 0.87 -13.93 28.20
C ASP C 64 2.07 -14.86 28.10
N ASN C 65 2.88 -14.82 29.16
CA ASN C 65 4.01 -15.72 29.37
C ASN C 65 5.08 -15.68 28.27
N GLY C 66 5.35 -14.49 27.75
CA GLY C 66 6.50 -14.25 26.88
C GLY C 66 6.32 -14.51 25.39
N THR C 67 5.10 -14.79 24.94
CA THR C 67 4.87 -14.91 23.51
C THR C 67 3.47 -14.44 23.13
N PHE C 68 3.30 -14.09 21.86
CA PHE C 68 2.01 -13.58 21.33
C PHE C 68 1.07 -14.73 20.93
N CYS C 69 1.35 -15.36 19.80
CA CYS C 69 0.47 -16.41 19.31
C CYS C 69 1.14 -17.21 18.19
N ALA C 70 1.16 -18.52 18.35
CA ALA C 70 1.86 -19.39 17.38
C ALA C 70 1.03 -19.84 16.18
N GLY C 71 -0.23 -19.41 16.11
CA GLY C 71 -1.14 -19.84 15.05
C GLY C 71 -2.19 -20.80 15.56
N ALA C 72 -2.87 -21.44 14.61
CA ALA C 72 -3.89 -22.44 14.91
C ALA C 72 -3.17 -23.62 15.54
N ASP C 73 -3.81 -24.25 16.52
CA ASP C 73 -3.19 -25.33 17.31
C ASP C 73 -3.10 -26.61 16.47
N LEU C 74 -1.89 -26.92 16.01
CA LEU C 74 -1.69 -28.09 15.14
C LEU C 74 -2.00 -29.39 15.88
N LYS C 75 -1.80 -29.42 17.19
CA LYS C 75 -2.16 -30.62 17.94
C LYS C 75 -3.68 -30.85 18.02
N ALA C 76 -4.50 -29.79 17.96
CA ALA C 76 -5.96 -29.97 18.04
C ALA C 76 -6.57 -30.34 16.66
N MET C 77 -5.80 -30.11 15.60
CA MET C 77 -6.16 -30.48 14.22
C MET C 77 -6.58 -31.94 14.16
N GLY C 78 -7.70 -32.21 13.52
CA GLY C 78 -8.18 -33.58 13.41
C GLY C 78 -8.83 -34.14 14.67
N THR C 79 -9.25 -33.25 15.58
CA THR C 79 -10.03 -33.62 16.76
C THR C 79 -11.19 -32.64 16.85
N ASP C 80 -12.11 -32.93 17.76
CA ASP C 80 -13.23 -32.05 17.98
C ASP C 80 -12.84 -30.76 18.73
N ARG C 81 -11.56 -30.61 19.05
CA ARG C 81 -11.07 -29.38 19.62
C ARG C 81 -10.43 -28.52 18.52
N GLY C 82 -10.47 -29.01 17.29
CA GLY C 82 -9.86 -28.29 16.17
C GLY C 82 -10.54 -26.97 15.86
N ASN C 83 -9.88 -26.10 15.10
CA ASN C 83 -10.51 -24.83 14.72
C ASN C 83 -11.72 -25.09 13.83
N GLU C 84 -12.74 -24.26 13.97
CA GLU C 84 -13.95 -24.39 13.15
C GLU C 84 -13.74 -23.68 11.81
N LEU C 85 -14.32 -24.26 10.77
CA LEU C 85 -14.18 -23.79 9.40
C LEU C 85 -15.55 -23.33 8.86
N HIS C 86 -15.81 -22.02 8.96
CA HIS C 86 -17.07 -21.40 8.56
C HIS C 86 -16.87 -20.63 7.25
N PRO C 87 -17.53 -21.04 6.16
CA PRO C 87 -17.32 -20.36 4.87
C PRO C 87 -17.48 -18.83 4.95
N HIS C 88 -18.42 -18.35 5.76
CA HIS C 88 -18.67 -16.91 5.85
C HIS C 88 -18.36 -16.33 7.21
N GLY C 89 -17.51 -17.00 7.99
CA GLY C 89 -17.14 -16.47 9.28
C GLY C 89 -17.98 -17.11 10.35
N PRO C 90 -17.53 -17.05 11.62
CA PRO C 90 -16.29 -16.38 12.05
C PRO C 90 -15.05 -17.13 11.57
N GLY C 91 -13.90 -16.46 11.56
CA GLY C 91 -12.70 -17.08 11.00
C GLY C 91 -12.16 -18.10 11.98
N PRO C 92 -11.26 -19.00 11.54
CA PRO C 92 -10.76 -20.09 12.41
C PRO C 92 -10.08 -19.66 13.68
N MET C 93 -9.42 -18.51 13.65
CA MET C 93 -8.68 -18.06 14.81
C MET C 93 -9.59 -17.39 15.83
N GLY C 94 -10.85 -17.14 15.44
CA GLY C 94 -11.86 -16.52 16.31
C GLY C 94 -12.42 -15.20 15.78
N PRO C 95 -11.72 -14.08 16.07
CA PRO C 95 -12.21 -12.73 15.75
C PRO C 95 -11.66 -12.17 14.41
N SER C 96 -11.03 -13.01 13.63
CA SER C 96 -10.24 -12.54 12.49
C SER C 96 -11.08 -12.00 11.31
N ARG C 97 -12.37 -12.31 11.30
CA ARG C 97 -13.31 -11.74 10.33
C ARG C 97 -14.32 -10.79 10.99
N LEU C 98 -14.13 -10.46 12.26
CA LEU C 98 -14.98 -9.48 12.94
C LEU C 98 -14.52 -8.07 12.61
N ARG C 99 -15.42 -7.24 12.10
CA ARG C 99 -15.13 -5.82 11.88
C ARG C 99 -15.57 -5.04 13.12
N LEU C 100 -14.65 -4.82 14.06
CA LEU C 100 -14.98 -4.11 15.27
C LEU C 100 -15.32 -2.67 14.97
N SER C 101 -16.18 -2.10 15.81
CA SER C 101 -16.59 -0.69 15.75
C SER C 101 -15.56 0.24 16.38
N LYS C 102 -14.58 -0.34 17.08
CA LYS C 102 -13.53 0.36 17.84
C LYS C 102 -12.18 -0.34 17.64
N PRO C 103 -11.09 0.40 17.79
CA PRO C 103 -9.75 -0.15 17.51
C PRO C 103 -9.13 -1.11 18.52
N VAL C 104 -8.22 -1.94 17.99
CA VAL C 104 -7.44 -2.89 18.75
CA VAL C 104 -7.45 -2.91 18.75
C VAL C 104 -5.96 -2.76 18.43
N ILE C 105 -5.14 -2.82 19.48
CA ILE C 105 -3.69 -2.76 19.35
C ILE C 105 -3.10 -4.09 19.75
N ALA C 106 -2.25 -4.65 18.89
CA ALA C 106 -1.54 -5.88 19.19
C ALA C 106 -0.28 -5.57 20.02
N ALA C 107 -0.11 -6.30 21.12
CA ALA C 107 1.04 -6.17 22.02
C ALA C 107 1.82 -7.47 21.93
N ILE C 108 2.89 -7.45 21.14
CA ILE C 108 3.49 -8.67 20.64
C ILE C 108 4.83 -8.88 21.35
N SER C 109 4.90 -9.95 22.12
CA SER C 109 6.17 -10.47 22.63
C SER C 109 6.47 -11.78 21.86
N GLY C 110 7.70 -12.27 21.94
CA GLY C 110 8.01 -13.62 21.43
C GLY C 110 7.69 -13.78 19.93
N HIS C 111 6.78 -14.70 19.63
CA HIS C 111 6.38 -15.01 18.23
C HIS C 111 4.94 -14.64 17.92
N ALA C 112 4.77 -14.01 16.75
CA ALA C 112 3.46 -13.83 16.11
C ALA C 112 3.56 -14.48 14.72
N VAL C 113 3.21 -15.75 14.66
CA VAL C 113 3.39 -16.50 13.43
C VAL C 113 2.14 -17.25 13.00
N ALA C 114 2.09 -17.46 11.68
CA ALA C 114 1.00 -18.21 11.06
C ALA C 114 -0.32 -17.51 11.45
N GLY C 115 -1.30 -18.24 11.97
CA GLY C 115 -2.56 -17.61 12.37
C GLY C 115 -2.33 -16.47 13.35
N GLY C 116 -1.20 -16.54 14.06
CA GLY C 116 -0.80 -15.47 15.00
C GLY C 116 -0.36 -14.18 14.32
N ILE C 117 0.34 -14.26 13.19
CA ILE C 117 0.61 -13.00 12.47
C ILE C 117 -0.71 -12.46 11.92
N GLU C 118 -1.63 -13.36 11.58
CA GLU C 118 -2.93 -12.96 11.04
C GLU C 118 -3.76 -12.19 12.08
N LEU C 119 -3.75 -12.63 13.34
CA LEU C 119 -4.36 -11.84 14.43
C LEU C 119 -3.70 -10.47 14.57
N ALA C 120 -2.39 -10.43 14.41
CA ALA C 120 -1.66 -9.18 14.54
C ALA C 120 -2.08 -8.21 13.43
N LEU C 121 -2.21 -8.73 12.20
CA LEU C 121 -2.61 -7.92 11.04
C LEU C 121 -4.05 -7.44 11.14
N TRP C 122 -4.88 -8.22 11.81
CA TRP C 122 -6.30 -7.88 12.00
C TRP C 122 -6.44 -6.70 12.94
N CYS C 123 -5.53 -6.59 13.91
CA CYS C 123 -5.48 -5.40 14.75
C CYS C 123 -5.11 -4.15 13.94
N ASP C 124 -5.46 -3.00 14.50
CA ASP C 124 -5.23 -1.71 13.81
C ASP C 124 -3.78 -1.26 13.87
N LEU C 125 -3.12 -1.55 14.99
CA LEU C 125 -1.74 -1.20 15.20
C LEU C 125 -1.04 -2.34 15.93
N ARG C 126 0.28 -2.40 15.72
CA ARG C 126 1.14 -3.42 16.29
C ARG C 126 2.37 -2.82 16.99
N VAL C 127 2.48 -3.13 18.28
CA VAL C 127 3.61 -2.81 19.12
C VAL C 127 4.34 -4.11 19.44
N VAL C 128 5.62 -4.16 19.12
CA VAL C 128 6.37 -5.39 19.32
CA VAL C 128 6.41 -5.35 19.23
C VAL C 128 7.64 -5.16 20.13
N GLU C 129 8.06 -6.22 20.80
CA GLU C 129 9.29 -6.19 21.57
C GLU C 129 10.48 -6.41 20.66
N GLU C 130 11.62 -5.86 21.07
CA GLU C 130 12.85 -5.82 20.26
C GLU C 130 13.30 -7.19 19.79
N ASP C 131 13.06 -8.22 20.58
CA ASP C 131 13.46 -9.57 20.20
C ASP C 131 12.34 -10.43 19.59
N ALA C 132 11.19 -9.85 19.29
CA ALA C 132 10.07 -10.65 18.79
C ALA C 132 10.25 -10.91 17.30
N VAL C 133 9.54 -11.93 16.83
CA VAL C 133 9.65 -12.43 15.47
C VAL C 133 8.25 -12.68 14.90
N LEU C 134 7.98 -12.14 13.71
CA LEU C 134 6.73 -12.37 13.00
C LEU C 134 7.00 -13.20 11.74
N GLY C 135 6.03 -13.97 11.25
CA GLY C 135 6.34 -14.76 10.05
C GLY C 135 5.19 -15.63 9.60
N VAL C 136 5.16 -15.91 8.30
CA VAL C 136 4.16 -16.79 7.73
C VAL C 136 4.72 -18.22 7.78
N PHE C 137 4.94 -18.70 8.99
CA PHE C 137 5.57 -20.02 9.18
C PHE C 137 4.74 -21.19 8.66
N CYS C 138 3.43 -20.96 8.56
CA CYS C 138 2.50 -21.94 7.99
C CYS C 138 2.84 -22.30 6.50
N ARG C 139 3.64 -21.47 5.84
CA ARG C 139 4.21 -21.81 4.51
C ARG C 139 4.94 -23.18 4.55
N ARG C 140 5.76 -23.38 5.56
CA ARG C 140 6.53 -24.65 5.71
C ARG C 140 5.62 -25.80 6.05
N TRP C 141 4.56 -25.50 6.79
CA TRP C 141 3.64 -26.55 7.27
C TRP C 141 2.66 -26.99 6.20
N GLY C 142 2.51 -26.21 5.13
CA GLY C 142 1.44 -26.47 4.18
C GLY C 142 0.03 -26.15 4.65
N VAL C 143 -0.07 -25.26 5.64
CA VAL C 143 -1.33 -24.78 6.18
C VAL C 143 -1.61 -23.40 5.57
N PRO C 144 -2.73 -23.24 4.83
CA PRO C 144 -2.98 -21.97 4.16
C PRO C 144 -3.41 -20.83 5.07
N LEU C 145 -3.22 -19.61 4.62
CA LEU C 145 -3.67 -18.43 5.33
C LEU C 145 -5.18 -18.28 5.11
N ILE C 146 -5.96 -18.57 6.15
CA ILE C 146 -7.41 -18.46 6.07
C ILE C 146 -7.98 -17.57 7.19
N ASP C 147 -7.17 -16.66 7.71
CA ASP C 147 -7.61 -15.68 8.70
C ASP C 147 -7.24 -14.28 8.24
N GLY C 148 -7.34 -14.07 6.93
CA GLY C 148 -7.16 -12.75 6.31
C GLY C 148 -5.76 -12.32 5.94
N GLY C 149 -4.79 -13.18 6.17
CA GLY C 149 -3.41 -12.87 5.85
C GLY C 149 -3.14 -12.46 4.41
N THR C 150 -3.82 -13.06 3.45
CA THR C 150 -3.56 -12.82 2.04
C THR C 150 -4.17 -11.50 1.58
N ILE C 151 -5.07 -10.95 2.40
CA ILE C 151 -5.76 -9.71 2.11
C ILE C 151 -5.08 -8.56 2.84
N ARG C 152 -4.85 -8.77 4.13
CA ARG C 152 -4.30 -7.72 4.98
C ARG C 152 -2.80 -7.49 4.78
N LEU C 153 -2.03 -8.50 4.47
CA LEU C 153 -0.62 -8.24 4.28
C LEU C 153 -0.39 -7.28 3.10
N PRO C 154 -0.97 -7.54 1.92
CA PRO C 154 -0.75 -6.63 0.81
C PRO C 154 -1.27 -5.23 1.03
N ARG C 155 -2.42 -5.10 1.68
CA ARG C 155 -3.01 -3.78 1.91
C ARG C 155 -2.23 -2.99 2.97
N LEU C 156 -1.65 -3.70 3.94
CA LEU C 156 -0.94 -3.08 5.05
C LEU C 156 0.44 -2.61 4.63
N ILE C 157 1.19 -3.43 3.90
CA ILE C 157 2.58 -3.07 3.61
C ILE C 157 2.96 -3.03 2.13
N GLY C 158 1.98 -3.26 1.25
CA GLY C 158 2.19 -3.18 -0.19
C GLY C 158 2.35 -4.60 -0.73
N HIS C 159 1.97 -4.80 -1.97
CA HIS C 159 2.01 -6.15 -2.56
C HIS C 159 3.42 -6.81 -2.64
N SER C 160 4.43 -6.02 -2.97
CA SER C 160 5.80 -6.56 -3.15
C SER C 160 6.36 -7.21 -1.88
N ARG C 161 6.35 -6.49 -0.76
CA ARG C 161 6.81 -7.06 0.49
C ARG C 161 5.90 -8.15 1.02
N ALA C 162 4.59 -8.00 0.83
CA ALA C 162 3.63 -9.05 1.18
C ALA C 162 3.95 -10.37 0.46
N MET C 163 4.25 -10.31 -0.84
CA MET C 163 4.65 -11.52 -1.57
C MET C 163 5.92 -12.19 -1.04
N ASP C 164 6.90 -11.37 -0.64
CA ASP C 164 8.13 -11.87 -0.03
C ASP C 164 7.74 -12.69 1.19
N LEU C 165 7.02 -12.09 2.13
CA LEU C 165 6.72 -12.77 3.39
C LEU C 165 5.85 -14.01 3.16
N ILE C 166 4.90 -13.91 2.23
CA ILE C 166 3.95 -14.99 1.98
C ILE C 166 4.64 -16.14 1.25
N LEU C 167 5.42 -15.85 0.21
CA LEU C 167 6.07 -16.92 -0.52
C LEU C 167 7.15 -17.61 0.29
N THR C 168 7.99 -16.87 1.03
CA THR C 168 9.16 -17.47 1.65
C THR C 168 8.81 -18.00 3.05
N GLY C 169 7.76 -17.46 3.66
CA GLY C 169 7.45 -17.76 5.06
C GLY C 169 8.58 -17.39 6.03
N ARG C 170 9.47 -16.48 5.64
CA ARG C 170 10.65 -16.18 6.45
C ARG C 170 10.35 -15.40 7.73
N PRO C 171 11.22 -15.54 8.75
CA PRO C 171 11.13 -14.69 9.95
C PRO C 171 11.42 -13.23 9.65
N VAL C 172 10.64 -12.35 10.28
CA VAL C 172 10.91 -10.95 10.21
C VAL C 172 11.15 -10.48 11.63
N HIS C 173 12.34 -9.94 11.86
CA HIS C 173 12.66 -9.38 13.17
C HIS C 173 12.08 -7.98 13.35
N ALA C 174 12.12 -7.46 14.58
CA ALA C 174 11.49 -6.19 14.90
C ALA C 174 11.99 -5.02 14.06
N ASN C 175 13.30 -4.88 13.94
CA ASN C 175 13.96 -3.89 13.10
C ASN C 175 13.34 -3.78 11.70
N GLU C 176 13.37 -4.89 10.98
CA GLU C 176 12.88 -4.94 9.63
C GLU C 176 11.37 -4.71 9.65
N ALA C 177 10.69 -5.33 10.59
CA ALA C 177 9.22 -5.21 10.70
C ALA C 177 8.78 -3.73 10.78
N LEU C 178 9.52 -2.95 11.57
CA LEU C 178 9.26 -1.52 11.71
C LEU C 178 9.57 -0.78 10.41
N ASP C 179 10.73 -1.09 9.82
CA ASP C 179 11.15 -0.42 8.58
C ASP C 179 10.18 -0.57 7.42
N ILE C 180 9.49 -1.72 7.35
CA ILE C 180 8.58 -2.00 6.24
C ILE C 180 7.13 -1.71 6.58
N GLY C 181 6.89 -1.19 7.78
CA GLY C 181 5.54 -0.89 8.22
C GLY C 181 4.71 -2.06 8.70
N LEU C 182 5.33 -3.23 8.88
CA LEU C 182 4.61 -4.40 9.33
C LEU C 182 4.18 -4.19 10.78
N VAL C 183 5.04 -3.52 11.54
CA VAL C 183 4.68 -3.08 12.90
C VAL C 183 4.85 -1.55 13.02
N ASN C 184 4.28 -0.97 14.07
CA ASN C 184 4.22 0.48 14.24
C ASN C 184 5.12 1.03 15.34
N ARG C 185 5.41 0.22 16.37
CA ARG C 185 6.28 0.59 17.49
C ARG C 185 7.13 -0.62 17.92
N VAL C 186 8.39 -0.36 18.26
CA VAL C 186 9.31 -1.34 18.84
C VAL C 186 9.70 -0.83 20.22
N VAL C 187 9.61 -1.71 21.22
CA VAL C 187 9.91 -1.41 22.60
C VAL C 187 10.79 -2.53 23.14
N ALA C 188 11.30 -2.33 24.35
CA ALA C 188 12.21 -3.27 24.99
C ALA C 188 11.47 -4.53 25.41
N ARG C 189 12.23 -5.60 25.54
CA ARG C 189 11.71 -6.88 26.01
C ARG C 189 10.96 -6.67 27.33
N GLY C 190 9.82 -7.35 27.46
CA GLY C 190 8.92 -7.20 28.60
C GLY C 190 7.92 -6.06 28.56
N GLN C 191 8.10 -5.11 27.62
CA GLN C 191 7.35 -3.85 27.63
C GLN C 191 6.13 -3.71 26.67
N ALA C 192 5.83 -4.74 25.87
CA ALA C 192 4.78 -4.61 24.84
C ALA C 192 3.41 -4.35 25.47
N ARG C 193 3.04 -5.12 26.49
CA ARG C 193 1.71 -4.93 27.06
C ARG C 193 1.54 -3.50 27.57
N GLU C 194 2.50 -3.05 28.38
CA GLU C 194 2.44 -1.69 28.93
C GLU C 194 2.45 -0.58 27.87
N ALA C 195 3.35 -0.68 26.90
CA ALA C 195 3.43 0.30 25.82
C ALA C 195 2.13 0.32 24.99
N ALA C 196 1.58 -0.86 24.70
CA ALA C 196 0.33 -0.95 23.96
C ALA C 196 -0.82 -0.33 24.76
N GLU C 197 -0.83 -0.60 26.07
CA GLU C 197 -1.86 -0.04 26.94
C GLU C 197 -1.78 1.48 27.06
N THR C 198 -0.57 2.00 27.06
CA THR C 198 -0.35 3.44 27.12
C THR C 198 -0.79 4.08 25.79
N LEU C 199 -0.40 3.48 24.68
CA LEU C 199 -0.84 3.97 23.39
C LEU C 199 -2.37 3.94 23.26
N ALA C 200 -2.98 2.85 23.75
CA ALA C 200 -4.43 2.70 23.76
C ALA C 200 -5.11 3.81 24.58
N ALA C 201 -4.57 4.11 25.76
CA ALA C 201 -5.11 5.20 26.58
C ALA C 201 -4.99 6.55 25.88
N GLU C 202 -3.90 6.78 25.17
CA GLU C 202 -3.74 8.03 24.41
C GLU C 202 -4.84 8.16 23.36
N ILE C 203 -5.09 7.10 22.61
CA ILE C 203 -6.12 7.13 21.58
C ILE C 203 -7.50 7.29 22.21
N ALA C 204 -7.74 6.61 23.33
CA ALA C 204 -9.01 6.74 24.05
C ALA C 204 -9.26 8.14 24.65
N ALA C 205 -8.22 8.92 24.88
CA ALA C 205 -8.42 10.28 25.39
C ALA C 205 -8.90 11.29 24.33
N PHE C 206 -8.84 10.96 23.04
CA PHE C 206 -9.35 11.88 21.99
C PHE C 206 -10.86 11.76 21.91
N PRO C 207 -11.56 12.74 21.30
CA PRO C 207 -12.97 12.60 21.03
C PRO C 207 -13.23 11.35 20.17
N GLN C 208 -14.03 10.44 20.73
CA GLN C 208 -14.12 9.09 20.27
C GLN C 208 -14.96 8.90 19.04
N GLN C 209 -16.03 9.66 18.88
CA GLN C 209 -16.87 9.42 17.72
C GLN C 209 -16.10 9.86 16.47
N CYS C 210 -15.26 10.88 16.62
CA CYS C 210 -14.40 11.32 15.54
C CYS C 210 -13.34 10.28 15.19
N VAL C 211 -12.68 9.72 16.21
CA VAL C 211 -11.75 8.59 16.00
C VAL C 211 -12.41 7.48 15.20
N ARG C 212 -13.60 7.08 15.61
CA ARG C 212 -14.26 5.92 15.05
C ARG C 212 -14.78 6.18 13.64
N ALA C 213 -15.25 7.41 13.42
CA ALA C 213 -15.65 7.83 12.07
C ALA C 213 -14.48 7.74 11.08
N ASP C 214 -13.31 8.30 11.45
CA ASP C 214 -12.13 8.30 10.57
C ASP C 214 -11.63 6.86 10.35
N ARG C 215 -11.52 6.10 11.43
CA ARG C 215 -11.11 4.71 11.31
C ARG C 215 -12.05 3.91 10.43
N ASP C 216 -13.37 4.00 10.67
CA ASP C 216 -14.32 3.20 9.88
C ASP C 216 -14.20 3.51 8.41
N SER C 217 -14.00 4.78 8.07
CA SER C 217 -13.90 5.18 6.64
C SER C 217 -12.60 4.66 6.04
N ALA C 218 -11.51 4.76 6.79
CA ALA C 218 -10.20 4.25 6.36
C ALA C 218 -10.24 2.76 6.07
N ILE C 219 -11.01 2.00 6.86
CA ILE C 219 -11.15 0.57 6.63
C ILE C 219 -12.04 0.30 5.43
N ALA C 220 -13.19 0.95 5.41
CA ALA C 220 -14.22 0.70 4.40
C ALA C 220 -13.89 1.18 3.01
N GLN C 221 -13.06 2.20 2.85
CA GLN C 221 -12.77 2.70 1.50
C GLN C 221 -12.02 1.70 0.61
N TRP C 222 -11.36 0.71 1.21
CA TRP C 222 -10.56 -0.28 0.48
C TRP C 222 -11.42 -1.00 -0.54
N GLY C 223 -11.01 -0.95 -1.80
CA GLY C 223 -11.75 -1.58 -2.88
C GLY C 223 -12.83 -0.73 -3.50
N MET C 224 -13.26 0.34 -2.83
CA MET C 224 -14.27 1.23 -3.40
C MET C 224 -13.65 2.19 -4.40
N ALA C 225 -14.39 2.52 -5.44
CA ALA C 225 -14.05 3.68 -6.28
C ALA C 225 -13.92 4.93 -5.42
N GLU C 226 -13.01 5.81 -5.79
CA GLU C 226 -12.71 6.97 -4.96
C GLU C 226 -13.96 7.82 -4.73
N GLU C 227 -14.80 8.02 -5.73
CA GLU C 227 -15.97 8.92 -5.54
C GLU C 227 -16.94 8.38 -4.49
N ALA C 228 -17.29 7.10 -4.60
CA ALA C 228 -18.13 6.44 -3.61
C ALA C 228 -17.49 6.45 -2.20
N ALA C 229 -16.18 6.24 -2.17
CA ALA C 229 -15.42 6.30 -0.92
C ALA C 229 -15.52 7.68 -0.27
N LEU C 230 -15.41 8.73 -1.08
CA LEU C 230 -15.45 10.11 -0.59
C LEU C 230 -16.89 10.47 -0.11
N ASP C 231 -17.88 9.96 -0.83
CA ASP C 231 -19.26 10.10 -0.40
C ASP C 231 -19.47 9.47 0.98
N ASN C 232 -18.89 8.30 1.20
CA ASN C 232 -19.02 7.61 2.49
C ASN C 232 -18.27 8.41 3.58
N GLU C 233 -17.09 8.92 3.25
CA GLU C 233 -16.29 9.65 4.21
C GLU C 233 -17.04 10.89 4.74
N PHE C 234 -17.78 11.54 3.85
CA PHE C 234 -18.55 12.76 4.20
C PHE C 234 -19.53 12.47 5.33
N GLY C 235 -19.97 11.22 5.42
CA GLY C 235 -20.88 10.76 6.49
C GLY C 235 -20.35 11.03 7.90
N SER C 236 -19.03 11.19 8.01
CA SER C 236 -18.41 11.45 9.31
C SER C 236 -18.89 12.75 10.01
N ILE C 237 -19.35 13.73 9.24
CA ILE C 237 -19.90 14.98 9.84
C ILE C 237 -21.09 14.69 10.75
N GLU C 238 -22.04 13.92 10.22
CA GLU C 238 -23.21 13.54 10.98
C GLU C 238 -22.83 12.63 12.13
N ARG C 239 -21.87 11.72 11.94
CA ARG C 239 -21.42 10.88 13.05
C ARG C 239 -20.90 11.65 14.26
N VAL C 240 -20.18 12.75 14.05
CA VAL C 240 -19.60 13.47 15.19
C VAL C 240 -20.48 14.62 15.70
N ALA C 241 -21.66 14.80 15.10
CA ALA C 241 -22.47 16.00 15.39
C ALA C 241 -22.81 16.21 16.88
N THR C 242 -23.21 15.15 17.58
CA THR C 242 -23.49 15.26 19.01
C THR C 242 -22.23 15.59 19.81
N GLU C 243 -21.16 14.88 19.48
CA GLU C 243 -19.90 15.06 20.19
C GLU C 243 -19.32 16.45 19.95
N ALA C 244 -19.42 16.95 18.71
CA ALA C 244 -18.91 18.30 18.41
C ALA C 244 -19.66 19.36 19.24
N LEU C 245 -20.99 19.18 19.37
CA LEU C 245 -21.79 20.09 20.18
C LEU C 245 -21.47 20.00 21.66
N GLU C 246 -21.29 18.78 22.17
CA GLU C 246 -20.86 18.61 23.56
C GLU C 246 -19.56 19.33 23.82
N GLY C 247 -18.67 19.29 22.83
CA GLY C 247 -17.40 19.99 22.93
C GLY C 247 -17.37 21.41 22.39
N ALA C 248 -18.53 21.98 21.98
CA ALA C 248 -18.59 23.36 21.41
C ALA C 248 -17.93 24.44 22.29
N GLY C 249 -17.98 24.25 23.61
CA GLY C 249 -17.37 25.21 24.54
C GLY C 249 -15.87 25.26 24.33
N ARG C 250 -15.22 24.10 24.47
CA ARG C 250 -13.79 23.92 24.24
C ARG C 250 -13.42 24.46 22.87
N PHE C 251 -14.07 23.94 21.84
CA PHE C 251 -13.91 24.46 20.50
C PHE C 251 -14.26 25.95 20.48
CL CL D . 1.75 1.08 5.73
C1 GOL E . -7.97 -0.35 -3.13
O1 GOL E . -9.16 0.42 -3.16
C2 GOL E . -8.06 -1.67 -3.88
O2 GOL E . -7.26 -1.68 -5.06
C3 GOL E . -7.72 -2.82 -2.92
O3 GOL E . -8.59 -3.93 -3.08
CL CL F . 4.25 4.99 -1.66
#